data_9GIZ
#
_entry.id   9GIZ
#
_cell.length_a   69.873
_cell.length_b   108.335
_cell.length_c   114.218
_cell.angle_alpha   90.00
_cell.angle_beta   90.00
_cell.angle_gamma   90.00
#
_symmetry.space_group_name_H-M   'P 21 21 21'
#
loop_
_entity.id
_entity.type
_entity.pdbx_description
1 polymer UMG-SP-1
2 non-polymer GLYCEROL
3 non-polymer 'HEXAETHYLENE GLYCOL'
4 water water
#
_entity_poly.entity_id   1
_entity_poly.type   'polypeptide(L)'
_entity_poly.pdbx_seq_one_letter_code
;SAREPTALATAAAIRSGATTARAETEAAIARIEALDGAINAVVVRDFDRALAAADAADARIQAGDTAPLLGVPMTVKEAF
DVEGLPTHWGFRQHAGNIATSDAEAVRRLKAAGAIILGKTNVPKGLGDWQSVNSIHGVTNHPLDPTRTPGGSSGGSAAAL
ASGMVPLELGSDIGGSIRIPAHFCGVWGLKPSWGAISSHGHRYPGTNGAETPLGVIGPMARSPDDLAAMLDLLATLPMPR
ASRPPRRVLAITDHPAIRTSAVCRDAVDTAAEALAGAGIEVIRSTDLLPDLARQHHAYGQMLSVAFARSDPTLHASLPNL
LTWLSWQDAQARNTRAWGRLFGEVDAVIAPPAATQAFAHDHAPQANRTLDIDGVASPYDAHLAWAGVATYPGLPAVVVPV
GTANGLPVGVQVITDFHRDHDAIATAALIHRLTEGQPA
;
_entity_poly.pdbx_strand_id   A,B
#
# COMPACT_ATOMS: atom_id res chain seq x y z
N ARG A 3 -8.42 -12.82 -33.48
CA ARG A 3 -9.43 -12.50 -32.44
C ARG A 3 -9.85 -11.04 -32.60
N GLU A 4 -10.65 -10.57 -31.65
CA GLU A 4 -11.07 -9.18 -31.59
C GLU A 4 -9.85 -8.34 -31.24
N PRO A 5 -9.84 -7.03 -31.53
CA PRO A 5 -8.71 -6.17 -31.18
C PRO A 5 -8.52 -6.02 -29.67
N THR A 6 -7.32 -5.60 -29.27
CA THR A 6 -7.00 -5.34 -27.87
C THR A 6 -7.65 -4.03 -27.47
N ALA A 7 -7.66 -3.78 -26.17
CA ALA A 7 -8.17 -2.52 -25.61
C ALA A 7 -7.35 -1.33 -26.13
N LEU A 8 -6.02 -1.40 -26.06
CA LEU A 8 -5.22 -0.28 -26.53
C LEU A 8 -5.42 -0.07 -28.04
N ALA A 9 -5.62 -1.16 -28.81
CA ALA A 9 -5.90 -1.02 -30.24
C ALA A 9 -7.24 -0.31 -30.46
N THR A 10 -8.26 -0.70 -29.70
CA THR A 10 -9.56 -0.05 -29.75
C THR A 10 -9.43 1.43 -29.41
N ALA A 11 -8.65 1.76 -28.36
CA ALA A 11 -8.57 3.14 -27.91
C ALA A 11 -7.90 4.01 -28.96
N ALA A 12 -6.86 3.50 -29.61
CA ALA A 12 -6.15 4.24 -30.64
C ALA A 12 -7.03 4.43 -31.87
N ALA A 13 -7.90 3.45 -32.15
CA ALA A 13 -8.80 3.54 -33.29
C ALA A 13 -9.88 4.61 -33.05
N ILE A 14 -10.33 4.72 -31.80
CA ILE A 14 -11.28 5.76 -31.42
C ILE A 14 -10.60 7.12 -31.49
N ARG A 15 -9.37 7.23 -30.96
CA ARG A 15 -8.63 8.48 -30.99
C ARG A 15 -8.36 8.94 -32.44
N SER A 16 -8.09 7.99 -33.35
CA SER A 16 -7.72 8.33 -34.71
C SER A 16 -8.95 8.59 -35.57
N GLY A 17 -10.14 8.31 -35.06
CA GLY A 17 -11.38 8.56 -35.79
C GLY A 17 -11.80 7.39 -36.68
N ALA A 18 -11.13 6.24 -36.54
CA ALA A 18 -11.45 5.04 -37.31
C ALA A 18 -12.74 4.42 -36.81
N THR A 19 -13.10 4.68 -35.55
CA THR A 19 -14.37 4.25 -35.00
C THR A 19 -14.71 5.21 -33.87
N THR A 20 -15.83 4.93 -33.18
CA THR A 20 -16.30 5.71 -32.04
C THR A 20 -16.55 4.75 -30.87
N ALA A 21 -16.66 5.33 -29.68
CA ALA A 21 -17.04 4.58 -28.50
C ALA A 21 -18.43 3.96 -28.68
N ARG A 22 -19.35 4.75 -29.25
CA ARG A 22 -20.71 4.28 -29.51
C ARG A 22 -20.67 3.02 -30.38
N ALA A 23 -19.91 3.06 -31.47
CA ALA A 23 -19.83 1.92 -32.36
C ALA A 23 -19.28 0.71 -31.62
N GLU A 24 -18.20 0.92 -30.84
CA GLU A 24 -17.54 -0.18 -30.14
C GLU A 24 -18.47 -0.82 -29.12
N THR A 25 -19.27 0.01 -28.44
CA THR A 25 -20.23 -0.47 -27.45
C THR A 25 -21.38 -1.22 -28.15
N GLU A 26 -21.80 -0.71 -29.32
CA GLU A 26 -22.85 -1.37 -30.09
C GLU A 26 -22.38 -2.75 -30.53
N ALA A 27 -21.15 -2.81 -31.03
CA ALA A 27 -20.56 -4.07 -31.47
C ALA A 27 -20.42 -5.07 -30.33
N ALA A 28 -19.98 -4.60 -29.15
CA ALA A 28 -19.77 -5.48 -28.01
C ALA A 28 -21.11 -6.05 -27.54
N ILE A 29 -22.15 -5.20 -27.51
CA ILE A 29 -23.49 -5.65 -27.17
C ILE A 29 -23.90 -6.77 -28.13
N ALA A 30 -23.67 -6.56 -29.43
CA ALA A 30 -24.05 -7.53 -30.44
C ALA A 30 -23.32 -8.84 -30.21
N ARG A 31 -22.01 -8.79 -29.91
CA ARG A 31 -21.23 -9.99 -29.67
C ARG A 31 -21.75 -10.73 -28.44
N ILE A 32 -22.13 -10.01 -27.40
CA ILE A 32 -22.65 -10.67 -26.20
C ILE A 32 -23.98 -11.34 -26.56
N GLU A 33 -24.88 -10.61 -27.22
CA GLU A 33 -26.19 -11.14 -27.61
C GLU A 33 -26.03 -12.32 -28.55
N ALA A 34 -25.11 -12.22 -29.52
CA ALA A 34 -24.76 -13.31 -30.42
C ALA A 34 -24.46 -14.61 -29.68
N LEU A 35 -23.81 -14.56 -28.52
CA LEU A 35 -23.36 -15.76 -27.85
C LEU A 35 -24.32 -16.23 -26.76
N ASP A 36 -25.52 -15.64 -26.70
CA ASP A 36 -26.45 -15.95 -25.62
C ASP A 36 -26.79 -17.44 -25.60
N GLY A 37 -26.91 -18.07 -26.77
CA GLY A 37 -27.03 -19.52 -26.84
C GLY A 37 -26.03 -20.22 -25.91
N ALA A 38 -24.74 -19.97 -26.13
CA ALA A 38 -23.69 -20.80 -25.49
C ALA A 38 -23.00 -20.23 -24.26
N ILE A 39 -22.73 -18.93 -24.21
CA ILE A 39 -21.95 -18.41 -23.06
C ILE A 39 -22.79 -17.35 -22.31
N ASN A 40 -23.33 -17.68 -21.15
CA ASN A 40 -24.05 -16.64 -20.39
C ASN A 40 -23.13 -16.06 -19.31
N ALA A 41 -22.03 -15.41 -19.70
CA ALA A 41 -21.17 -14.91 -18.65
C ALA A 41 -21.66 -13.55 -18.14
N VAL A 42 -22.28 -12.77 -19.03
CA VAL A 42 -22.74 -11.44 -18.67
C VAL A 42 -24.13 -11.54 -18.05
N VAL A 43 -24.18 -11.64 -16.72
CA VAL A 43 -25.38 -11.97 -15.98
C VAL A 43 -26.08 -10.69 -15.51
N VAL A 44 -25.39 -9.53 -15.53
CA VAL A 44 -26.05 -8.27 -15.24
C VAL A 44 -25.72 -7.29 -16.37
N ARG A 45 -26.74 -6.82 -17.08
CA ARG A 45 -26.53 -6.04 -18.28
C ARG A 45 -27.01 -4.61 -18.07
N ASP A 46 -26.23 -3.67 -18.63
CA ASP A 46 -26.47 -2.25 -18.42
C ASP A 46 -26.26 -1.53 -19.75
N PHE A 47 -26.85 -2.11 -20.80
CA PHE A 47 -26.54 -1.73 -22.18
C PHE A 47 -26.99 -0.32 -22.53
N ASP A 48 -28.14 0.11 -22.02
CA ASP A 48 -28.68 1.42 -22.35
C ASP A 48 -27.80 2.50 -21.74
N ARG A 49 -27.50 2.39 -20.44
CA ARG A 49 -26.66 3.38 -19.79
C ARG A 49 -25.26 3.34 -20.39
N ALA A 50 -24.81 2.16 -20.80
CA ALA A 50 -23.50 2.03 -21.43
C ALA A 50 -23.42 2.83 -22.72
N LEU A 51 -24.48 2.79 -23.53
CA LEU A 51 -24.46 3.52 -24.79
C LEU A 51 -24.42 5.04 -24.54
N ALA A 52 -25.14 5.47 -23.52
CA ALA A 52 -25.09 6.88 -23.11
C ALA A 52 -23.69 7.25 -22.59
N ALA A 53 -23.03 6.33 -21.87
CA ALA A 53 -21.68 6.59 -21.40
C ALA A 53 -20.70 6.60 -22.58
N ALA A 54 -20.94 5.73 -23.56
CA ALA A 54 -20.17 5.75 -24.80
C ALA A 54 -20.29 7.12 -25.50
N ASP A 55 -21.52 7.66 -25.49
CA ASP A 55 -21.75 8.99 -26.04
C ASP A 55 -20.92 10.01 -25.26
N ALA A 56 -20.93 9.93 -23.94
CA ALA A 56 -20.10 10.79 -23.11
C ALA A 56 -18.62 10.67 -23.48
N ALA A 57 -18.14 9.45 -23.74
CA ALA A 57 -16.73 9.23 -24.03
C ALA A 57 -16.40 9.85 -25.39
N ASP A 58 -17.32 9.71 -26.33
CA ASP A 58 -17.14 10.31 -27.65
C ASP A 58 -17.02 11.83 -27.52
N ALA A 59 -17.84 12.44 -26.68
CA ALA A 59 -17.75 13.87 -26.42
C ALA A 59 -16.35 14.19 -25.88
N ARG A 60 -15.87 13.38 -24.94
CA ARG A 60 -14.56 13.59 -24.35
C ARG A 60 -13.49 13.58 -25.45
N ILE A 61 -13.58 12.59 -26.37
CA ILE A 61 -12.63 12.46 -27.44
C ILE A 61 -12.63 13.73 -28.30
N GLN A 62 -13.84 14.18 -28.69
CA GLN A 62 -14.00 15.39 -29.48
C GLN A 62 -13.41 16.60 -28.75
N ALA A 63 -13.51 16.64 -27.42
CA ALA A 63 -12.95 17.72 -26.63
C ALA A 63 -11.44 17.60 -26.47
N GLY A 64 -10.82 16.59 -27.10
CA GLY A 64 -9.36 16.47 -27.12
C GLY A 64 -8.79 15.59 -26.00
N ASP A 65 -9.65 14.90 -25.23
CA ASP A 65 -9.19 14.05 -24.14
C ASP A 65 -8.53 12.80 -24.72
N THR A 66 -7.47 12.31 -24.07
CA THR A 66 -6.78 11.10 -24.55
C THR A 66 -6.59 10.11 -23.41
N ALA A 67 -7.48 10.08 -22.41
CA ALA A 67 -7.40 9.08 -21.36
C ALA A 67 -7.33 7.71 -22.04
N PRO A 68 -6.47 6.79 -21.54
CA PRO A 68 -6.02 5.66 -22.36
C PRO A 68 -7.04 4.56 -22.66
N LEU A 69 -8.20 4.55 -21.98
CA LEU A 69 -9.22 3.54 -22.25
C LEU A 69 -10.50 4.15 -22.81
N LEU A 70 -10.43 5.37 -23.35
CA LEU A 70 -11.63 6.09 -23.75
C LEU A 70 -12.39 5.31 -24.82
N GLY A 71 -13.62 4.94 -24.48
CA GLY A 71 -14.52 4.27 -25.41
C GLY A 71 -14.35 2.76 -25.44
N VAL A 72 -13.47 2.20 -24.61
CA VAL A 72 -13.21 0.78 -24.64
C VAL A 72 -14.27 0.07 -23.79
N PRO A 73 -15.04 -0.85 -24.39
CA PRO A 73 -16.05 -1.61 -23.64
C PRO A 73 -15.45 -2.68 -22.74
N MET A 74 -16.14 -2.98 -21.64
CA MET A 74 -15.64 -4.01 -20.75
C MET A 74 -16.76 -4.47 -19.83
N THR A 75 -16.51 -5.60 -19.18
CA THR A 75 -17.32 -6.03 -18.05
C THR A 75 -16.43 -6.20 -16.83
N VAL A 76 -17.06 -6.37 -15.66
CA VAL A 76 -16.33 -6.60 -14.42
C VAL A 76 -17.04 -7.70 -13.65
N LYS A 77 -16.30 -8.40 -12.80
CA LYS A 77 -16.85 -9.47 -11.99
C LYS A 77 -18.00 -8.92 -11.15
N GLU A 78 -19.03 -9.75 -10.93
CA GLU A 78 -20.26 -9.30 -10.31
C GLU A 78 -20.02 -8.92 -8.85
N ALA A 79 -18.85 -9.29 -8.31
CA ALA A 79 -18.49 -8.98 -6.93
C ALA A 79 -18.17 -7.50 -6.73
N PHE A 80 -17.99 -6.75 -7.82
CA PHE A 80 -17.68 -5.31 -7.72
C PHE A 80 -18.96 -4.48 -7.72
N ASP A 81 -19.06 -3.50 -6.83
CA ASP A 81 -20.10 -2.48 -6.93
C ASP A 81 -19.94 -1.64 -8.19
N VAL A 82 -21.05 -1.49 -8.92
CA VAL A 82 -21.17 -0.53 -10.00
C VAL A 82 -22.42 0.29 -9.70
N GLU A 83 -22.24 1.61 -9.63
CA GLU A 83 -23.31 2.55 -9.31
C GLU A 83 -24.56 2.23 -10.12
N GLY A 84 -25.68 1.97 -9.43
CA GLY A 84 -26.96 1.78 -10.07
C GLY A 84 -27.26 0.33 -10.45
N LEU A 85 -26.30 -0.58 -10.25
CA LEU A 85 -26.52 -2.00 -10.47
C LEU A 85 -26.59 -2.71 -9.12
N PRO A 86 -27.27 -3.87 -9.08
CA PRO A 86 -27.43 -4.61 -7.83
C PRO A 86 -26.12 -5.09 -7.23
N THR A 87 -25.99 -4.79 -5.94
CA THR A 87 -25.09 -5.45 -5.01
C THR A 87 -25.98 -5.99 -3.89
N HIS A 88 -25.81 -7.26 -3.52
CA HIS A 88 -26.73 -7.82 -2.54
C HIS A 88 -26.32 -7.31 -1.15
N TRP A 89 -27.11 -6.33 -0.66
CA TRP A 89 -26.95 -5.62 0.60
C TRP A 89 -27.88 -6.17 1.68
N GLY A 90 -28.68 -7.21 1.36
CA GLY A 90 -29.53 -7.86 2.35
C GLY A 90 -30.92 -7.24 2.48
N PHE A 91 -31.24 -6.18 1.70
CA PHE A 91 -32.57 -5.59 1.74
C PHE A 91 -33.55 -6.55 1.06
N ARG A 92 -34.77 -6.56 1.81
CA ARG A 92 -35.83 -7.46 1.34
C ARG A 92 -36.71 -6.70 0.36
N GLN A 93 -36.17 -5.51 -0.30
CA GLN A 93 -36.74 -4.61 -1.27
C GLN A 93 -35.69 -4.42 -2.37
N HIS A 94 -36.08 -3.90 -3.56
CA HIS A 94 -35.17 -3.78 -4.69
C HIS A 94 -34.18 -2.63 -4.49
N ALA A 95 -34.73 -1.42 -4.27
CA ALA A 95 -33.95 -0.18 -4.28
C ALA A 95 -32.84 -0.22 -3.23
N GLY A 96 -33.06 -0.92 -2.10
CA GLY A 96 -32.04 -1.02 -1.06
C GLY A 96 -30.75 -1.70 -1.52
N ASN A 97 -30.83 -2.57 -2.55
CA ASN A 97 -29.71 -3.40 -2.98
C ASN A 97 -28.98 -2.82 -4.20
N ILE A 98 -29.20 -1.54 -4.49
CA ILE A 98 -28.61 -0.89 -5.65
C ILE A 98 -27.38 -0.14 -5.17
N ALA A 99 -26.22 -0.44 -5.76
CA ALA A 99 -25.00 0.28 -5.40
C ALA A 99 -25.22 1.76 -5.66
N THR A 100 -24.88 2.59 -4.67
CA THR A 100 -24.98 4.04 -4.82
C THR A 100 -23.63 4.62 -5.24
N SER A 101 -22.57 3.84 -5.19
CA SER A 101 -21.32 4.29 -5.79
C SER A 101 -20.56 3.13 -6.42
N ASP A 102 -19.69 3.48 -7.35
CA ASP A 102 -18.76 2.53 -7.95
C ASP A 102 -17.72 2.11 -6.94
N ALA A 103 -17.29 0.84 -7.00
CA ALA A 103 -16.03 0.41 -6.37
C ALA A 103 -14.90 1.29 -6.89
N GLU A 104 -13.89 1.53 -6.05
CA GLU A 104 -12.78 2.40 -6.43
C GLU A 104 -12.18 1.97 -7.78
N ALA A 105 -11.96 0.66 -7.99
CA ALA A 105 -11.35 0.21 -9.23
C ALA A 105 -12.22 0.54 -10.44
N VAL A 106 -13.53 0.36 -10.29
CA VAL A 106 -14.50 0.70 -11.33
C VAL A 106 -14.52 2.21 -11.55
N ARG A 107 -14.43 2.98 -10.46
CA ARG A 107 -14.39 4.42 -10.59
C ARG A 107 -13.21 4.81 -11.47
N ARG A 108 -12.05 4.19 -11.22
CA ARG A 108 -10.85 4.54 -11.95
C ARG A 108 -10.99 4.15 -13.42
N LEU A 109 -11.57 2.97 -13.68
CA LEU A 109 -11.76 2.53 -15.06
C LEU A 109 -12.64 3.51 -15.82
N LYS A 110 -13.77 3.88 -15.22
CA LYS A 110 -14.67 4.82 -15.87
C LYS A 110 -14.01 6.18 -16.07
N ALA A 111 -13.26 6.67 -15.08
CA ALA A 111 -12.58 7.96 -15.23
C ALA A 111 -11.60 7.90 -16.40
N ALA A 112 -10.95 6.73 -16.61
CA ALA A 112 -10.03 6.57 -17.73
C ALA A 112 -10.78 6.35 -19.05
N GLY A 113 -12.11 6.24 -19.01
CA GLY A 113 -12.90 6.29 -20.22
C GLY A 113 -13.52 4.94 -20.62
N ALA A 114 -13.24 3.88 -19.85
CA ALA A 114 -13.79 2.58 -20.19
C ALA A 114 -15.31 2.61 -20.03
N ILE A 115 -15.98 1.75 -20.81
CA ILE A 115 -17.42 1.63 -20.78
C ILE A 115 -17.77 0.28 -20.17
N ILE A 116 -18.46 0.31 -19.03
CA ILE A 116 -18.85 -0.90 -18.33
C ILE A 116 -20.23 -1.33 -18.85
N LEU A 117 -20.25 -2.42 -19.61
CA LEU A 117 -21.48 -2.91 -20.22
C LEU A 117 -22.29 -3.71 -19.20
N GLY A 118 -21.64 -4.19 -18.13
CA GLY A 118 -22.32 -5.10 -17.23
C GLY A 118 -21.33 -5.92 -16.40
N LYS A 119 -21.83 -6.95 -15.75
CA LYS A 119 -21.03 -7.73 -14.80
C LYS A 119 -21.13 -9.21 -15.16
N THR A 120 -20.01 -9.93 -14.92
CA THR A 120 -19.89 -11.34 -15.25
C THR A 120 -20.04 -12.18 -13.98
N ASN A 121 -20.52 -13.42 -14.17
CA ASN A 121 -20.71 -14.37 -13.09
C ASN A 121 -19.37 -14.66 -12.42
N VAL A 122 -19.40 -14.90 -11.11
CA VAL A 122 -18.21 -15.35 -10.41
C VAL A 122 -17.79 -16.68 -11.06
N PRO A 123 -16.47 -16.92 -11.29
CA PRO A 123 -16.02 -18.19 -11.86
C PRO A 123 -16.63 -19.40 -11.16
N LYS A 124 -17.02 -20.43 -11.91
CA LYS A 124 -17.58 -21.63 -11.32
C LYS A 124 -16.48 -22.46 -10.68
N GLY A 125 -16.90 -23.26 -9.69
CA GLY A 125 -16.00 -24.07 -8.90
C GLY A 125 -15.38 -25.22 -9.68
N LEU A 126 -14.31 -25.77 -9.09
CA LEU A 126 -13.68 -27.01 -9.52
C LEU A 126 -14.76 -28.09 -9.60
N GLY A 127 -14.87 -28.71 -10.78
CA GLY A 127 -15.85 -29.77 -11.00
C GLY A 127 -17.19 -29.22 -11.49
N ASP A 128 -17.23 -27.92 -11.84
CA ASP A 128 -18.41 -27.31 -12.44
C ASP A 128 -18.16 -26.91 -13.89
N TRP A 129 -16.98 -27.22 -14.44
CA TRP A 129 -16.65 -26.75 -15.78
C TRP A 129 -17.18 -27.73 -16.85
N THR A 148 -15.03 -22.04 -26.13
CA THR A 148 -14.40 -21.56 -24.87
C THR A 148 -14.50 -22.67 -23.82
N PRO A 149 -13.37 -23.12 -23.23
CA PRO A 149 -13.42 -24.02 -22.07
C PRO A 149 -14.45 -23.55 -21.05
N GLY A 150 -15.41 -24.43 -20.77
CA GLY A 150 -16.32 -24.30 -19.65
C GLY A 150 -17.58 -23.50 -19.98
N GLY A 151 -17.71 -23.04 -21.23
CA GLY A 151 -18.72 -22.07 -21.61
C GLY A 151 -18.56 -20.78 -20.79
N SER A 152 -19.48 -20.58 -19.84
CA SER A 152 -19.58 -19.38 -19.02
C SER A 152 -18.75 -19.52 -17.74
N SER A 153 -18.32 -20.76 -17.45
CA SER A 153 -17.82 -21.14 -16.14
C SER A 153 -16.68 -20.23 -15.70
N GLY A 154 -15.89 -19.75 -16.67
CA GLY A 154 -14.74 -18.87 -16.41
C GLY A 154 -15.14 -17.44 -16.04
N GLY A 155 -16.39 -17.06 -16.32
CA GLY A 155 -16.86 -15.72 -16.00
C GLY A 155 -16.05 -14.65 -16.78
N SER A 156 -15.31 -13.79 -16.07
CA SER A 156 -14.44 -12.80 -16.72
C SER A 156 -13.59 -13.43 -17.83
N ALA A 157 -12.99 -14.60 -17.55
CA ALA A 157 -12.08 -15.24 -18.48
C ALA A 157 -12.83 -15.73 -19.73
N ALA A 158 -14.08 -16.14 -19.56
CA ALA A 158 -14.89 -16.60 -20.68
C ALA A 158 -15.31 -15.42 -21.55
N ALA A 159 -15.68 -14.30 -20.91
CA ALA A 159 -16.03 -13.10 -21.66
C ALA A 159 -14.86 -12.64 -22.52
N LEU A 160 -13.63 -12.78 -21.98
CA LEU A 160 -12.44 -12.40 -22.75
C LEU A 160 -12.16 -13.40 -23.87
N ALA A 161 -12.21 -14.69 -23.53
CA ALA A 161 -11.81 -15.76 -24.43
C ALA A 161 -12.76 -15.82 -25.63
N SER A 162 -14.06 -15.58 -25.38
CA SER A 162 -15.06 -15.60 -26.43
C SER A 162 -15.01 -14.32 -27.28
N GLY A 163 -14.28 -13.29 -26.85
CA GLY A 163 -14.15 -12.07 -27.64
C GLY A 163 -15.25 -11.04 -27.37
N MET A 164 -16.08 -11.26 -26.33
CA MET A 164 -17.13 -10.31 -25.99
C MET A 164 -16.56 -8.92 -25.74
N VAL A 165 -15.51 -8.86 -24.92
CA VAL A 165 -14.91 -7.59 -24.55
C VAL A 165 -13.42 -7.80 -24.44
N PRO A 166 -12.60 -6.74 -24.56
CA PRO A 166 -11.16 -6.87 -24.42
C PRO A 166 -10.58 -6.67 -23.00
N LEU A 167 -11.43 -6.22 -22.06
CA LEU A 167 -10.95 -5.92 -20.72
C LEU A 167 -11.91 -6.54 -19.71
N GLU A 168 -11.31 -6.95 -18.60
CA GLU A 168 -12.12 -7.48 -17.49
C GLU A 168 -11.40 -7.14 -16.18
N LEU A 169 -12.04 -7.41 -15.07
CA LEU A 169 -11.57 -7.06 -13.75
C LEU A 169 -12.03 -8.15 -12.80
N GLY A 170 -11.07 -8.83 -12.18
CA GLY A 170 -11.38 -9.94 -11.29
C GLY A 170 -10.78 -9.70 -9.91
N SER A 171 -10.91 -10.71 -9.07
CA SER A 171 -10.35 -10.72 -7.73
C SER A 171 -9.93 -12.15 -7.39
N ASP A 172 -8.90 -12.26 -6.55
CA ASP A 172 -8.17 -13.53 -6.46
C ASP A 172 -7.63 -13.69 -5.05
N ILE A 173 -8.15 -14.69 -4.34
CA ILE A 173 -7.60 -15.10 -3.06
C ILE A 173 -7.05 -16.53 -3.13
N GLY A 174 -7.64 -17.39 -3.97
CA GLY A 174 -7.16 -18.76 -4.19
C GLY A 174 -7.14 -19.12 -5.68
N GLY A 175 -6.95 -18.12 -6.55
CA GLY A 175 -6.73 -18.33 -7.97
C GLY A 175 -7.81 -17.81 -8.91
N SER A 176 -8.81 -17.03 -8.46
CA SER A 176 -9.94 -16.75 -9.36
C SER A 176 -9.62 -15.74 -10.48
N ILE A 177 -8.41 -15.19 -10.51
CA ILE A 177 -7.92 -14.50 -11.72
C ILE A 177 -7.05 -15.47 -12.53
N ARG A 178 -6.05 -16.06 -11.88
CA ARG A 178 -5.00 -16.80 -12.56
C ARG A 178 -5.56 -18.07 -13.21
N ILE A 179 -6.36 -18.83 -12.46
CA ILE A 179 -6.71 -20.17 -12.88
C ILE A 179 -7.72 -20.10 -14.02
N PRO A 180 -8.80 -19.27 -13.97
CA PRO A 180 -9.67 -19.12 -15.13
C PRO A 180 -8.90 -18.63 -16.37
N ALA A 181 -7.90 -17.76 -16.17
CA ALA A 181 -7.13 -17.27 -17.29
C ALA A 181 -6.37 -18.42 -17.95
N HIS A 182 -5.79 -19.28 -17.11
CA HIS A 182 -5.11 -20.50 -17.55
C HIS A 182 -6.07 -21.48 -18.25
N PHE A 183 -7.21 -21.77 -17.62
CA PHE A 183 -8.21 -22.65 -18.23
C PHE A 183 -8.69 -22.15 -19.59
N CYS A 184 -8.81 -20.82 -19.77
CA CYS A 184 -9.52 -20.23 -20.89
C CYS A 184 -8.58 -19.62 -21.94
N GLY A 185 -7.28 -19.58 -21.66
CA GLY A 185 -6.30 -19.12 -22.63
C GLY A 185 -6.21 -17.59 -22.72
N VAL A 186 -6.46 -16.89 -21.62
CA VAL A 186 -6.33 -15.44 -21.64
C VAL A 186 -5.29 -15.03 -20.59
N TRP A 187 -5.11 -13.70 -20.39
CA TRP A 187 -4.10 -13.16 -19.51
C TRP A 187 -4.71 -12.60 -18.24
N GLY A 188 -3.97 -12.72 -17.12
CA GLY A 188 -4.40 -12.12 -15.88
C GLY A 188 -3.20 -11.67 -15.04
N LEU A 189 -3.37 -10.55 -14.34
CA LEU A 189 -2.43 -10.12 -13.32
C LEU A 189 -3.09 -10.25 -11.95
N LYS A 190 -2.46 -11.05 -11.08
CA LYS A 190 -2.68 -11.02 -9.65
C LYS A 190 -1.62 -10.07 -9.09
N PRO A 191 -1.96 -8.81 -8.79
CA PRO A 191 -0.94 -7.81 -8.45
C PRO A 191 -0.30 -8.08 -7.10
N SER A 192 0.75 -7.31 -6.81
CA SER A 192 1.27 -7.20 -5.46
C SER A 192 0.13 -6.93 -4.49
N TRP A 193 0.17 -7.59 -3.32
CA TRP A 193 -0.76 -7.27 -2.23
C TRP A 193 -0.78 -5.76 -2.00
N GLY A 194 -1.99 -5.19 -1.96
CA GLY A 194 -2.20 -3.79 -1.63
C GLY A 194 -2.05 -2.83 -2.81
N ALA A 195 -1.70 -3.32 -4.01
CA ALA A 195 -1.40 -2.42 -5.12
C ALA A 195 -2.66 -1.67 -5.58
N ILE A 196 -3.82 -2.33 -5.51
CA ILE A 196 -5.07 -1.78 -5.99
C ILE A 196 -6.09 -1.87 -4.86
N SER A 197 -6.88 -0.81 -4.68
CA SER A 197 -7.90 -0.73 -3.65
C SER A 197 -8.98 -1.78 -3.90
N SER A 198 -9.39 -2.47 -2.85
CA SER A 198 -10.52 -3.38 -3.00
C SER A 198 -11.78 -2.78 -2.36
N HIS A 199 -11.83 -1.46 -2.20
CA HIS A 199 -13.07 -0.81 -1.79
C HIS A 199 -14.16 -1.11 -2.85
N GLY A 200 -15.34 -1.53 -2.36
CA GLY A 200 -16.52 -1.77 -3.18
C GLY A 200 -16.54 -3.20 -3.72
N HIS A 201 -15.61 -4.02 -3.27
CA HIS A 201 -15.50 -5.41 -3.64
C HIS A 201 -15.75 -6.22 -2.37
N ARG A 202 -16.44 -7.33 -2.54
CA ARG A 202 -16.63 -8.21 -1.37
C ARG A 202 -16.35 -9.68 -1.71
N TYR A 203 -15.41 -10.28 -1.00
CA TYR A 203 -15.22 -11.73 -1.03
C TYR A 203 -16.34 -12.36 -0.22
N PRO A 204 -17.33 -13.08 -0.83
CA PRO A 204 -18.43 -13.68 -0.07
C PRO A 204 -17.91 -14.64 1.00
N GLY A 205 -18.49 -14.56 2.19
CA GLY A 205 -18.22 -15.52 3.23
C GLY A 205 -17.06 -15.16 4.16
N THR A 206 -16.40 -14.00 3.95
CA THR A 206 -15.21 -13.66 4.72
C THR A 206 -15.55 -12.73 5.89
N ASN A 207 -14.56 -12.45 6.74
CA ASN A 207 -14.81 -11.75 8.00
C ASN A 207 -13.79 -10.64 8.26
N GLY A 208 -13.07 -10.19 7.22
CA GLY A 208 -11.99 -9.24 7.39
C GLY A 208 -10.60 -9.88 7.39
N ALA A 209 -10.49 -11.13 7.82
CA ALA A 209 -9.20 -11.82 7.87
C ALA A 209 -8.72 -12.29 6.49
N GLU A 210 -9.49 -12.04 5.42
CA GLU A 210 -9.04 -12.30 4.06
C GLU A 210 -8.10 -11.20 3.55
N THR A 211 -8.11 -10.09 4.27
CA THR A 211 -7.41 -8.87 3.88
C THR A 211 -5.93 -9.09 3.61
N PRO A 212 -5.18 -9.91 4.39
CA PRO A 212 -3.78 -10.17 4.07
C PRO A 212 -3.48 -10.98 2.81
N LEU A 213 -4.52 -11.52 2.15
CA LEU A 213 -4.35 -12.46 1.05
C LEU A 213 -4.93 -11.93 -0.27
N GLY A 214 -6.16 -11.41 -0.22
CA GLY A 214 -6.95 -11.14 -1.41
C GLY A 214 -6.41 -9.96 -2.21
N VAL A 215 -6.48 -10.05 -3.54
CA VAL A 215 -6.20 -8.90 -4.37
C VAL A 215 -7.25 -8.76 -5.46
N ILE A 216 -7.42 -7.52 -5.93
CA ILE A 216 -8.14 -7.36 -7.17
C ILE A 216 -7.14 -7.13 -8.30
N GLY A 217 -7.49 -7.53 -9.52
CA GLY A 217 -6.55 -7.34 -10.62
C GLY A 217 -7.20 -7.37 -12.00
N PRO A 218 -6.48 -6.84 -13.01
CA PRO A 218 -7.00 -6.81 -14.38
C PRO A 218 -6.81 -8.13 -15.13
N MET A 219 -7.67 -8.33 -16.11
CA MET A 219 -7.61 -9.46 -17.04
C MET A 219 -7.80 -8.91 -18.44
N ALA A 220 -7.13 -9.53 -19.43
CA ALA A 220 -7.13 -9.04 -20.80
C ALA A 220 -6.64 -10.15 -21.71
N ARG A 221 -6.46 -9.80 -23.00
CA ARG A 221 -5.90 -10.73 -23.97
C ARG A 221 -4.52 -10.24 -24.43
N SER A 222 -3.90 -9.37 -23.65
CA SER A 222 -2.72 -8.64 -24.07
C SER A 222 -1.93 -8.18 -22.85
N PRO A 223 -0.59 -8.32 -22.85
CA PRO A 223 0.24 -7.76 -21.78
C PRO A 223 0.24 -6.25 -21.73
N ASP A 224 0.21 -5.58 -22.91
CA ASP A 224 0.17 -4.13 -22.91
C ASP A 224 -1.12 -3.66 -22.26
N ASP A 225 -2.21 -4.40 -22.48
CA ASP A 225 -3.48 -4.06 -21.87
C ASP A 225 -3.37 -4.19 -20.35
N LEU A 226 -2.78 -5.28 -19.86
CA LEU A 226 -2.61 -5.47 -18.43
C LEU A 226 -1.82 -4.30 -17.84
N ALA A 227 -0.72 -3.91 -18.51
CA ALA A 227 0.17 -2.88 -17.98
C ALA A 227 -0.55 -1.53 -17.87
N ALA A 228 -1.34 -1.17 -18.89
CA ALA A 228 -2.09 0.08 -18.86
C ALA A 228 -3.15 0.04 -17.76
N MET A 229 -3.84 -1.12 -17.61
CA MET A 229 -4.83 -1.25 -16.57
C MET A 229 -4.17 -1.07 -15.20
N LEU A 230 -3.04 -1.72 -14.98
CA LEU A 230 -2.35 -1.64 -13.69
C LEU A 230 -2.07 -0.18 -13.34
N ASP A 231 -1.55 0.59 -14.32
CA ASP A 231 -1.20 1.99 -14.04
C ASP A 231 -2.43 2.82 -13.70
N LEU A 232 -3.61 2.48 -14.25
CA LEU A 232 -4.83 3.21 -13.98
C LEU A 232 -5.43 2.80 -12.63
N LEU A 233 -5.26 1.54 -12.28
CA LEU A 233 -5.87 0.99 -11.06
C LEU A 233 -5.02 1.21 -9.82
N ALA A 234 -3.69 1.33 -9.97
CA ALA A 234 -2.78 1.34 -8.84
C ALA A 234 -3.01 2.56 -7.96
N THR A 235 -3.07 2.33 -6.64
CA THR A 235 -3.24 3.39 -5.66
C THR A 235 -2.08 4.37 -5.76
N LEU A 236 -0.85 3.84 -5.78
CA LEU A 236 0.34 4.63 -5.92
C LEU A 236 1.14 4.06 -7.10
N PRO A 237 1.95 4.88 -7.79
CA PRO A 237 2.66 4.43 -8.99
C PRO A 237 3.59 3.24 -8.72
N MET A 238 3.45 2.23 -9.58
CA MET A 238 4.21 0.99 -9.48
C MET A 238 5.53 1.17 -10.21
N PRO A 239 6.66 0.58 -9.75
CA PRO A 239 7.94 0.69 -10.45
C PRO A 239 7.80 0.27 -11.91
N ARG A 240 8.51 0.98 -12.79
CA ARG A 240 8.56 0.69 -14.21
C ARG A 240 9.30 -0.63 -14.42
N ALA A 241 9.01 -1.29 -15.55
CA ALA A 241 9.76 -2.47 -15.94
C ALA A 241 11.24 -2.14 -16.01
N SER A 242 12.07 -2.97 -15.39
CA SER A 242 13.51 -2.82 -15.51
C SER A 242 14.01 -3.58 -16.73
N ARG A 243 15.30 -3.82 -16.80
CA ARG A 243 15.90 -4.62 -17.86
C ARG A 243 15.21 -5.96 -18.04
N PRO A 244 15.37 -6.62 -19.22
CA PRO A 244 14.93 -8.00 -19.39
C PRO A 244 15.51 -8.90 -18.31
N PRO A 245 14.85 -10.03 -17.97
CA PRO A 245 15.39 -10.95 -16.98
C PRO A 245 16.68 -11.60 -17.51
N ARG A 246 17.58 -11.94 -16.60
CA ARG A 246 18.81 -12.64 -16.92
C ARG A 246 18.80 -14.04 -16.35
N ARG A 247 18.05 -14.26 -15.26
CA ARG A 247 17.98 -15.58 -14.66
C ARG A 247 16.57 -15.85 -14.15
N VAL A 248 16.09 -17.07 -14.39
CA VAL A 248 14.75 -17.46 -14.01
C VAL A 248 14.79 -18.83 -13.36
N LEU A 249 14.02 -18.99 -12.28
CA LEU A 249 13.77 -20.29 -11.71
C LEU A 249 12.48 -20.85 -12.31
N ALA A 250 12.58 -22.06 -12.85
CA ALA A 250 11.43 -22.80 -13.32
C ALA A 250 11.14 -23.93 -12.34
N ILE A 251 9.91 -23.99 -11.84
CA ILE A 251 9.50 -25.08 -10.98
C ILE A 251 8.27 -25.75 -11.57
N THR A 252 8.17 -27.09 -11.39
CA THR A 252 7.10 -27.85 -12.03
C THR A 252 6.37 -28.72 -11.02
N ASP A 253 6.87 -28.80 -9.79
CA ASP A 253 6.32 -29.71 -8.79
C ASP A 253 6.07 -28.94 -7.51
N HIS A 254 4.92 -29.18 -6.90
CA HIS A 254 4.57 -28.63 -5.61
C HIS A 254 4.31 -29.79 -4.66
N PRO A 255 4.85 -29.76 -3.43
CA PRO A 255 4.69 -30.90 -2.52
C PRO A 255 3.26 -31.25 -2.15
N ALA A 256 2.30 -30.34 -2.32
CA ALA A 256 0.96 -30.57 -1.81
C ALA A 256 0.05 -31.23 -2.83
N ILE A 257 0.44 -31.30 -4.09
CA ILE A 257 -0.43 -31.82 -5.12
C ILE A 257 0.41 -32.33 -6.29
N ARG A 258 -0.11 -33.36 -6.98
CA ARG A 258 0.49 -33.78 -8.24
C ARG A 258 0.06 -32.84 -9.37
N THR A 259 1.01 -32.41 -10.19
CA THR A 259 0.71 -31.55 -11.32
C THR A 259 0.65 -32.38 -12.59
N SER A 260 -0.34 -32.13 -13.44
CA SER A 260 -0.49 -32.89 -14.67
C SER A 260 0.72 -32.67 -15.58
N ALA A 261 0.99 -33.67 -16.42
CA ALA A 261 2.14 -33.59 -17.32
C ALA A 261 2.01 -32.36 -18.20
N VAL A 262 0.79 -32.07 -18.63
CA VAL A 262 0.62 -30.99 -19.59
C VAL A 262 0.99 -29.65 -18.96
N CYS A 263 0.61 -29.43 -17.70
CA CYS A 263 0.96 -28.18 -17.02
C CYS A 263 2.47 -28.11 -16.80
N ARG A 264 3.08 -29.24 -16.42
CA ARG A 264 4.53 -29.32 -16.28
C ARG A 264 5.20 -28.99 -17.62
N ASP A 265 4.71 -29.60 -18.71
CA ASP A 265 5.31 -29.41 -20.03
C ASP A 265 5.23 -27.95 -20.45
N ALA A 266 4.16 -27.25 -20.08
CA ALA A 266 4.00 -25.85 -20.43
C ALA A 266 5.12 -25.01 -19.82
N VAL A 267 5.43 -25.29 -18.55
CA VAL A 267 6.52 -24.60 -17.88
C VAL A 267 7.82 -24.94 -18.61
N ASP A 268 8.05 -26.22 -18.90
CA ASP A 268 9.21 -26.69 -19.63
C ASP A 268 9.33 -25.98 -20.99
N THR A 269 8.20 -25.82 -21.69
CA THR A 269 8.22 -25.13 -22.97
C THR A 269 8.71 -23.68 -22.80
N ALA A 270 8.16 -23.00 -21.80
CA ALA A 270 8.53 -21.63 -21.51
C ALA A 270 10.01 -21.56 -21.11
N ALA A 271 10.46 -22.50 -20.28
CA ALA A 271 11.84 -22.53 -19.83
C ALA A 271 12.80 -22.65 -21.03
N GLU A 272 12.47 -23.55 -21.95
CA GLU A 272 13.31 -23.83 -23.10
C GLU A 272 13.36 -22.60 -24.01
N ALA A 273 12.21 -21.95 -24.19
CA ALA A 273 12.16 -20.73 -24.98
C ALA A 273 13.07 -19.65 -24.38
N LEU A 274 13.03 -19.52 -23.05
CA LEU A 274 13.82 -18.47 -22.41
C LEU A 274 15.30 -18.80 -22.56
N ALA A 275 15.66 -20.05 -22.29
CA ALA A 275 17.03 -20.53 -22.38
C ALA A 275 17.56 -20.26 -23.79
N GLY A 276 16.75 -20.60 -24.80
CA GLY A 276 17.13 -20.41 -26.20
C GLY A 276 17.33 -18.93 -26.55
N ALA A 277 16.75 -18.01 -25.77
CA ALA A 277 17.00 -16.60 -26.00
C ALA A 277 18.13 -16.11 -25.11
N GLY A 278 18.88 -17.03 -24.49
CA GLY A 278 20.07 -16.68 -23.74
C GLY A 278 19.79 -16.28 -22.28
N ILE A 279 18.59 -16.54 -21.77
CA ILE A 279 18.30 -16.32 -20.36
C ILE A 279 18.63 -17.59 -19.60
N GLU A 280 19.36 -17.47 -18.49
CA GLU A 280 19.70 -18.63 -17.69
C GLU A 280 18.47 -19.12 -16.93
N VAL A 281 18.15 -20.40 -17.06
CA VAL A 281 17.06 -21.01 -16.36
C VAL A 281 17.63 -22.02 -15.37
N ILE A 282 17.34 -21.85 -14.08
CA ILE A 282 17.70 -22.83 -13.07
C ILE A 282 16.44 -23.58 -12.63
N ARG A 283 16.64 -24.74 -11.97
CA ARG A 283 15.57 -25.62 -11.60
C ARG A 283 15.52 -25.83 -10.09
N SER A 284 16.54 -25.31 -9.41
CA SER A 284 16.59 -25.42 -7.95
C SER A 284 17.51 -24.34 -7.38
N THR A 285 17.27 -23.96 -6.14
CA THR A 285 18.12 -22.98 -5.46
C THR A 285 17.90 -23.10 -3.99
N ASP A 286 18.95 -22.86 -3.23
CA ASP A 286 18.87 -22.88 -1.75
C ASP A 286 17.93 -21.78 -1.26
N LEU A 287 17.58 -20.80 -2.10
CA LEU A 287 16.84 -19.65 -1.59
C LEU A 287 15.33 -19.79 -1.80
N LEU A 288 14.88 -20.90 -2.39
CA LEU A 288 13.46 -21.09 -2.59
C LEU A 288 12.76 -21.31 -1.25
N PRO A 289 11.83 -20.45 -0.80
CA PRO A 289 11.15 -20.71 0.47
C PRO A 289 10.46 -22.06 0.45
N ASP A 290 10.29 -22.62 1.64
CA ASP A 290 9.69 -23.93 1.80
C ASP A 290 8.22 -23.88 1.39
N LEU A 291 7.87 -24.54 0.29
CA LEU A 291 6.54 -24.40 -0.28
C LEU A 291 5.52 -25.20 0.54
N ALA A 292 5.95 -26.31 1.15
CA ALA A 292 5.07 -27.12 2.00
C ALA A 292 4.60 -26.30 3.20
N ARG A 293 5.55 -25.67 3.90
CA ARG A 293 5.25 -24.90 5.10
C ARG A 293 4.41 -23.68 4.71
N GLN A 294 4.79 -23.03 3.62
CA GLN A 294 4.06 -21.89 3.12
C GLN A 294 2.62 -22.28 2.81
N HIS A 295 2.40 -23.44 2.15
CA HIS A 295 1.07 -23.88 1.78
C HIS A 295 0.20 -24.18 3.01
N HIS A 296 0.84 -24.72 4.05
CA HIS A 296 0.17 -24.97 5.31
C HIS A 296 -0.21 -23.64 5.96
N ALA A 297 0.70 -22.68 6.00
CA ALA A 297 0.42 -21.38 6.60
C ALA A 297 -0.69 -20.65 5.82
N TYR A 298 -0.68 -20.75 4.48
CA TYR A 298 -1.75 -20.20 3.65
C TYR A 298 -3.11 -20.78 4.04
N GLY A 299 -3.20 -22.11 4.16
CA GLY A 299 -4.43 -22.81 4.54
C GLY A 299 -4.93 -22.35 5.91
N GLN A 300 -4.00 -22.21 6.86
CA GLN A 300 -4.36 -21.72 8.19
C GLN A 300 -5.03 -20.35 8.07
N MET A 301 -4.41 -19.42 7.35
CA MET A 301 -4.98 -18.08 7.24
C MET A 301 -6.35 -18.12 6.54
N LEU A 302 -6.47 -18.92 5.48
CA LEU A 302 -7.76 -19.09 4.82
C LEU A 302 -8.82 -19.65 5.77
N SER A 303 -8.43 -20.51 6.70
CA SER A 303 -9.38 -21.15 7.61
C SER A 303 -9.96 -20.14 8.59
N VAL A 304 -9.23 -19.04 8.82
CA VAL A 304 -9.75 -17.94 9.62
C VAL A 304 -10.60 -17.00 8.78
N ALA A 305 -10.11 -16.62 7.60
CA ALA A 305 -10.82 -15.73 6.69
C ALA A 305 -12.25 -16.21 6.42
N PHE A 306 -12.42 -17.52 6.27
CA PHE A 306 -13.69 -18.09 5.87
C PHE A 306 -14.39 -18.78 7.05
N ALA A 307 -14.04 -18.43 8.28
CA ALA A 307 -14.60 -19.08 9.46
C ALA A 307 -16.10 -18.84 9.64
N ARG A 308 -16.64 -17.80 8.99
CA ARG A 308 -18.07 -17.54 9.06
C ARG A 308 -18.84 -18.61 8.31
N SER A 309 -18.18 -19.30 7.38
CA SER A 309 -18.90 -20.15 6.45
C SER A 309 -19.36 -21.44 7.13
N ASP A 310 -18.61 -21.88 8.14
CA ASP A 310 -18.64 -23.28 8.54
C ASP A 310 -18.46 -23.37 10.05
N PRO A 311 -19.34 -24.08 10.80
CA PRO A 311 -19.15 -24.30 12.24
C PRO A 311 -17.82 -24.92 12.63
N THR A 312 -17.24 -25.71 11.73
CA THR A 312 -15.99 -26.40 11.99
C THR A 312 -14.85 -25.39 12.01
N LEU A 313 -14.89 -24.44 11.08
CA LEU A 313 -13.89 -23.41 11.01
C LEU A 313 -14.08 -22.45 12.17
N HIS A 314 -15.34 -22.16 12.50
CA HIS A 314 -15.69 -21.34 13.66
C HIS A 314 -15.10 -21.97 14.93
N ALA A 315 -15.27 -23.29 15.08
CA ALA A 315 -14.80 -23.97 16.28
C ALA A 315 -13.28 -23.96 16.36
N SER A 316 -12.60 -23.98 15.21
CA SER A 316 -11.17 -24.16 15.24
C SER A 316 -10.45 -22.82 15.09
N LEU A 317 -11.11 -21.69 15.38
CA LEU A 317 -10.44 -20.40 15.35
C LEU A 317 -9.28 -20.38 16.33
N PRO A 318 -8.10 -19.83 15.97
CA PRO A 318 -7.01 -19.70 16.92
C PRO A 318 -7.24 -18.53 17.86
N ASN A 319 -6.34 -18.39 18.83
CA ASN A 319 -6.36 -17.22 19.69
C ASN A 319 -5.62 -16.08 18.98
N LEU A 320 -5.70 -14.88 19.58
CA LEU A 320 -5.20 -13.69 18.95
C LEU A 320 -3.68 -13.78 18.79
N LEU A 321 -2.99 -14.22 19.86
CA LEU A 321 -1.54 -14.32 19.82
C LEU A 321 -1.08 -15.20 18.65
N THR A 322 -1.77 -16.33 18.45
CA THR A 322 -1.45 -17.22 17.33
C THR A 322 -1.69 -16.48 16.01
N TRP A 323 -2.84 -15.81 15.87
CA TRP A 323 -3.12 -15.03 14.66
C TRP A 323 -1.99 -14.04 14.36
N LEU A 324 -1.57 -13.29 15.38
CA LEU A 324 -0.56 -12.27 15.18
C LEU A 324 0.77 -12.90 14.81
N SER A 325 1.04 -14.07 15.39
CA SER A 325 2.22 -14.83 15.05
C SER A 325 2.17 -15.30 13.59
N TRP A 326 1.00 -15.70 13.08
CA TRP A 326 0.86 -16.07 11.68
C TRP A 326 1.15 -14.89 10.75
N GLN A 327 0.75 -13.70 11.16
CA GLN A 327 1.00 -12.52 10.36
C GLN A 327 2.49 -12.18 10.33
N ASP A 328 3.18 -12.35 11.46
CA ASP A 328 4.62 -12.18 11.48
C ASP A 328 5.31 -13.18 10.56
N ALA A 329 4.86 -14.44 10.55
CA ALA A 329 5.51 -15.42 9.70
C ALA A 329 5.28 -15.07 8.23
N GLN A 330 4.10 -14.52 7.91
CA GLN A 330 3.81 -14.11 6.54
C GLN A 330 4.79 -13.01 6.11
N ALA A 331 4.98 -12.00 6.96
CA ALA A 331 5.96 -10.95 6.70
C ALA A 331 7.37 -11.52 6.47
N ARG A 332 7.78 -12.48 7.31
CA ARG A 332 9.08 -13.11 7.11
C ARG A 332 9.16 -13.84 5.76
N ASN A 333 8.08 -14.54 5.38
CA ASN A 333 8.00 -15.24 4.11
C ASN A 333 8.26 -14.26 2.95
N THR A 334 7.58 -13.12 2.97
CA THR A 334 7.73 -12.14 1.92
C THR A 334 9.21 -11.77 1.78
N ARG A 335 9.91 -11.58 2.91
CA ARG A 335 11.31 -11.19 2.87
C ARG A 335 12.18 -12.35 2.33
N ALA A 336 11.84 -13.58 2.69
CA ALA A 336 12.53 -14.75 2.14
C ALA A 336 12.40 -14.78 0.62
N TRP A 337 11.20 -14.46 0.09
CA TRP A 337 11.04 -14.34 -1.36
C TRP A 337 11.94 -13.22 -1.90
N GLY A 338 12.04 -12.12 -1.16
CA GLY A 338 12.86 -11.00 -1.59
C GLY A 338 14.32 -11.43 -1.75
N ARG A 339 14.80 -12.28 -0.84
CA ARG A 339 16.17 -12.77 -0.91
C ARG A 339 16.33 -13.65 -2.15
N LEU A 340 15.37 -14.55 -2.40
CA LEU A 340 15.39 -15.29 -3.66
C LEU A 340 15.50 -14.35 -4.86
N PHE A 341 14.80 -13.23 -4.83
CA PHE A 341 14.76 -12.34 -5.99
C PHE A 341 16.02 -11.47 -6.08
N GLY A 342 16.94 -11.61 -5.12
CA GLY A 342 18.29 -11.07 -5.30
C GLY A 342 19.13 -11.94 -6.24
N GLU A 343 18.68 -13.17 -6.51
CA GLU A 343 19.45 -14.07 -7.37
C GLU A 343 18.73 -14.41 -8.67
N VAL A 344 17.38 -14.38 -8.67
CA VAL A 344 16.62 -14.62 -9.90
C VAL A 344 15.68 -13.44 -10.13
N ASP A 345 15.26 -13.28 -11.38
CA ASP A 345 14.44 -12.15 -11.81
C ASP A 345 12.96 -12.51 -11.86
N ALA A 346 12.69 -13.81 -11.93
CA ALA A 346 11.34 -14.31 -12.04
C ALA A 346 11.34 -15.81 -11.74
N VAL A 347 10.17 -16.29 -11.32
CA VAL A 347 9.87 -17.68 -11.14
C VAL A 347 8.74 -18.00 -12.11
N ILE A 348 8.88 -19.10 -12.86
CA ILE A 348 7.82 -19.59 -13.71
C ILE A 348 7.35 -20.92 -13.15
N ALA A 349 6.03 -21.08 -13.12
CA ALA A 349 5.40 -22.22 -12.47
C ALA A 349 4.05 -22.48 -13.10
N PRO A 350 3.43 -23.65 -12.80
CA PRO A 350 2.06 -23.93 -13.24
C PRO A 350 1.13 -22.94 -12.56
N PRO A 351 0.06 -22.48 -13.25
CA PRO A 351 -1.02 -21.72 -12.60
C PRO A 351 -1.90 -22.57 -11.71
N ALA A 352 -1.96 -23.86 -12.04
CA ALA A 352 -2.84 -24.84 -11.44
C ALA A 352 -2.34 -26.24 -11.81
N ALA A 353 -2.86 -27.26 -11.11
CA ALA A 353 -2.37 -28.62 -11.27
C ALA A 353 -2.92 -29.25 -12.54
N THR A 354 -4.00 -28.68 -13.11
CA THR A 354 -4.64 -29.27 -14.28
C THR A 354 -4.99 -28.19 -15.27
N GLN A 355 -5.48 -28.65 -16.43
CA GLN A 355 -6.25 -27.83 -17.33
C GLN A 355 -7.71 -27.86 -16.92
N ALA A 356 -8.56 -27.15 -17.67
CA ALA A 356 -9.99 -27.16 -17.43
C ALA A 356 -10.50 -28.60 -17.52
N PHE A 357 -11.53 -28.95 -16.72
CA PHE A 357 -12.17 -30.25 -16.83
C PHE A 357 -11.17 -31.37 -16.43
N LEU A 369 -19.62 -23.23 1.64
CA LEU A 369 -18.21 -22.75 1.75
C LEU A 369 -17.56 -22.76 0.36
N ASP A 370 -17.05 -21.59 -0.05
CA ASP A 370 -16.47 -21.44 -1.38
C ASP A 370 -15.30 -20.45 -1.42
N ILE A 371 -14.10 -20.99 -1.59
CA ILE A 371 -12.86 -20.23 -1.60
C ILE A 371 -12.33 -20.26 -3.03
N ASP A 372 -12.76 -19.31 -3.87
CA ASP A 372 -12.31 -19.26 -5.25
C ASP A 372 -12.56 -20.61 -5.92
N GLY A 373 -13.72 -21.21 -5.63
CA GLY A 373 -14.12 -22.42 -6.34
C GLY A 373 -13.93 -23.70 -5.53
N VAL A 374 -13.18 -23.66 -4.43
CA VAL A 374 -12.99 -24.87 -3.62
C VAL A 374 -13.77 -24.75 -2.31
N ALA A 375 -13.97 -25.91 -1.68
CA ALA A 375 -14.89 -26.07 -0.57
C ALA A 375 -14.12 -26.10 0.76
N SER A 376 -12.79 -26.16 0.72
CA SER A 376 -12.02 -26.30 1.93
C SER A 376 -10.84 -25.34 1.88
N PRO A 377 -10.46 -24.67 2.99
CA PRO A 377 -9.23 -23.86 3.02
C PRO A 377 -7.94 -24.63 2.84
N TYR A 378 -8.00 -25.95 3.03
CA TYR A 378 -6.83 -26.82 2.94
C TYR A 378 -6.82 -27.60 1.64
N ASP A 379 -7.72 -27.29 0.70
CA ASP A 379 -7.74 -27.96 -0.59
C ASP A 379 -6.38 -27.83 -1.31
N ALA A 380 -5.86 -28.97 -1.79
CA ALA A 380 -4.57 -29.01 -2.50
C ALA A 380 -4.59 -28.21 -3.81
N HIS A 381 -5.78 -28.00 -4.38
CA HIS A 381 -5.90 -27.30 -5.65
C HIS A 381 -5.52 -25.82 -5.54
N LEU A 382 -5.41 -25.30 -4.30
CA LEU A 382 -4.95 -23.93 -4.07
C LEU A 382 -3.42 -23.83 -4.03
N ALA A 383 -2.71 -24.96 -4.12
CA ALA A 383 -1.28 -24.96 -3.86
C ALA A 383 -0.56 -23.92 -4.73
N TRP A 384 -0.82 -23.98 -6.03
CA TRP A 384 -0.09 -23.15 -6.98
C TRP A 384 -0.49 -21.68 -6.86
N ALA A 385 -1.73 -21.41 -6.41
CA ALA A 385 -2.21 -20.06 -6.17
C ALA A 385 -1.46 -19.45 -4.98
N GLY A 386 -1.24 -20.27 -3.95
CA GLY A 386 -0.67 -19.84 -2.69
C GLY A 386 0.79 -19.40 -2.78
N VAL A 387 1.52 -19.90 -3.79
CA VAL A 387 2.93 -19.59 -3.91
C VAL A 387 3.17 -18.08 -3.92
N ALA A 388 2.35 -17.36 -4.70
CA ALA A 388 2.42 -15.91 -4.79
C ALA A 388 1.47 -15.25 -3.80
N THR A 389 0.30 -15.83 -3.55
CA THR A 389 -0.69 -15.17 -2.72
C THR A 389 -0.19 -14.97 -1.29
N TYR A 390 0.39 -16.00 -0.67
CA TYR A 390 0.72 -15.91 0.75
C TYR A 390 1.72 -14.77 0.96
N PRO A 391 2.85 -14.68 0.21
CA PRO A 391 3.79 -13.57 0.39
C PRO A 391 3.35 -12.22 -0.18
N GLY A 392 2.29 -12.24 -0.99
CA GLY A 392 1.79 -11.01 -1.58
C GLY A 392 2.51 -10.63 -2.86
N LEU A 393 3.17 -11.58 -3.53
CA LEU A 393 3.93 -11.28 -4.74
C LEU A 393 3.00 -11.13 -5.94
N PRO A 394 3.43 -10.34 -6.95
CA PRO A 394 2.72 -10.27 -8.23
C PRO A 394 2.95 -11.55 -9.04
N ALA A 395 1.90 -11.93 -9.79
CA ALA A 395 1.92 -13.10 -10.66
C ALA A 395 1.04 -12.85 -11.87
N VAL A 396 1.61 -13.06 -13.06
CA VAL A 396 0.89 -12.97 -14.32
C VAL A 396 0.74 -14.37 -14.90
N VAL A 397 -0.48 -14.68 -15.34
CA VAL A 397 -0.71 -15.88 -16.10
C VAL A 397 -0.79 -15.51 -17.59
N VAL A 398 -0.02 -16.27 -18.40
CA VAL A 398 0.14 -16.04 -19.83
C VAL A 398 -0.18 -17.35 -20.55
N PRO A 399 -0.99 -17.32 -21.64
CA PRO A 399 -1.25 -18.52 -22.46
C PRO A 399 0.03 -18.92 -23.18
N VAL A 400 0.34 -20.21 -23.22
CA VAL A 400 1.52 -20.66 -23.96
C VAL A 400 1.13 -21.77 -24.93
N GLY A 401 -0.11 -21.84 -25.38
CA GLY A 401 -0.48 -22.82 -26.39
C GLY A 401 -1.64 -23.69 -25.92
N THR A 402 -1.90 -24.76 -26.67
CA THR A 402 -2.99 -25.67 -26.36
C THR A 402 -2.42 -27.08 -26.36
N ALA A 403 -2.97 -27.92 -25.48
CA ALA A 403 -2.65 -29.33 -25.43
C ALA A 403 -3.94 -30.06 -25.16
N ASN A 404 -4.12 -31.21 -25.83
CA ASN A 404 -5.34 -32.00 -25.70
C ASN A 404 -6.55 -31.14 -26.05
N GLY A 405 -6.38 -30.18 -26.96
CA GLY A 405 -7.50 -29.35 -27.38
C GLY A 405 -7.95 -28.34 -26.33
N LEU A 406 -7.13 -28.10 -25.30
CA LEU A 406 -7.49 -27.13 -24.26
C LEU A 406 -6.33 -26.15 -24.04
N PRO A 407 -6.62 -24.90 -23.65
CA PRO A 407 -5.55 -23.96 -23.29
C PRO A 407 -4.66 -24.47 -22.18
N VAL A 408 -3.39 -24.05 -22.22
CA VAL A 408 -2.51 -24.21 -21.09
C VAL A 408 -1.65 -22.96 -20.96
N GLY A 409 -1.46 -22.49 -19.73
CA GLY A 409 -0.65 -21.31 -19.47
C GLY A 409 0.47 -21.55 -18.46
N VAL A 410 1.20 -20.47 -18.18
CA VAL A 410 2.25 -20.44 -17.17
C VAL A 410 2.04 -19.21 -16.29
N GLN A 411 2.40 -19.30 -15.01
CA GLN A 411 2.40 -18.15 -14.13
C GLN A 411 3.83 -17.68 -13.95
N VAL A 412 3.99 -16.36 -14.06
CA VAL A 412 5.25 -15.69 -13.88
C VAL A 412 5.17 -14.85 -12.60
N ILE A 413 6.00 -15.21 -11.62
CA ILE A 413 6.03 -14.55 -10.32
C ILE A 413 7.30 -13.71 -10.22
N THR A 414 7.17 -12.45 -9.77
CA THR A 414 8.32 -11.59 -9.54
C THR A 414 8.25 -11.06 -8.11
N ASP A 415 9.25 -10.26 -7.75
CA ASP A 415 9.36 -9.72 -6.41
C ASP A 415 8.24 -8.72 -6.16
N PHE A 416 8.07 -8.42 -4.87
CA PHE A 416 7.04 -7.50 -4.41
C PHE A 416 7.21 -6.18 -5.13
N HIS A 417 6.11 -5.65 -5.66
CA HIS A 417 6.06 -4.40 -6.40
C HIS A 417 6.73 -4.48 -7.78
N ARG A 418 7.12 -5.67 -8.24
CA ARG A 418 7.71 -5.79 -9.57
C ARG A 418 6.67 -6.32 -10.55
N ASP A 419 5.45 -5.80 -10.41
CA ASP A 419 4.32 -6.18 -11.24
C ASP A 419 4.63 -5.99 -12.71
N HIS A 420 5.24 -4.85 -13.07
CA HIS A 420 5.49 -4.53 -14.47
C HIS A 420 6.49 -5.52 -15.08
N ASP A 421 7.45 -5.98 -14.27
CA ASP A 421 8.39 -7.02 -14.68
C ASP A 421 7.69 -8.34 -14.90
N ALA A 422 6.67 -8.65 -14.09
CA ALA A 422 5.95 -9.92 -14.27
C ALA A 422 5.26 -9.92 -15.62
N ILE A 423 4.66 -8.77 -15.95
CA ILE A 423 3.95 -8.60 -17.19
C ILE A 423 4.94 -8.67 -18.36
N ALA A 424 6.08 -7.98 -18.25
CA ALA A 424 7.07 -7.93 -19.33
C ALA A 424 7.68 -9.30 -19.58
N THR A 425 7.96 -10.05 -18.51
CA THR A 425 8.56 -11.36 -18.62
C THR A 425 7.55 -12.33 -19.21
N ALA A 426 6.28 -12.22 -18.75
CA ALA A 426 5.20 -12.98 -19.35
C ALA A 426 5.11 -12.70 -20.85
N ALA A 427 5.21 -11.43 -21.22
CA ALA A 427 5.11 -11.01 -22.62
C ALA A 427 6.26 -11.61 -23.44
N LEU A 428 7.46 -11.59 -22.86
CA LEU A 428 8.61 -12.17 -23.52
C LEU A 428 8.39 -13.67 -23.76
N ILE A 429 7.89 -14.39 -22.73
CA ILE A 429 7.61 -15.81 -22.85
C ILE A 429 6.64 -16.05 -24.00
N HIS A 430 5.60 -15.23 -24.08
CA HIS A 430 4.57 -15.40 -25.10
C HIS A 430 5.15 -15.22 -26.50
N ARG A 431 5.94 -14.15 -26.69
CA ARG A 431 6.59 -13.87 -27.96
C ARG A 431 7.49 -15.05 -28.34
N LEU A 432 8.29 -15.55 -27.39
CA LEU A 432 9.23 -16.62 -27.66
C LEU A 432 8.53 -17.95 -27.90
N THR A 433 7.33 -18.20 -27.38
CA THR A 433 6.69 -19.48 -27.61
C THR A 433 5.75 -19.39 -28.80
N GLU A 434 5.84 -18.31 -29.60
CA GLU A 434 5.34 -18.34 -30.97
C GLU A 434 6.47 -18.83 -31.89
N ARG B 3 20.43 28.91 15.36
CA ARG B 3 19.77 29.14 14.05
C ARG B 3 20.45 28.31 12.96
N GLU B 4 20.90 27.09 13.29
CA GLU B 4 21.71 26.27 12.38
C GLU B 4 20.99 26.06 11.06
N PRO B 5 21.71 25.89 9.93
CA PRO B 5 21.06 25.72 8.62
C PRO B 5 20.25 24.42 8.51
N THR B 6 19.37 24.39 7.51
CA THR B 6 18.53 23.22 7.25
C THR B 6 19.37 22.13 6.62
N ALA B 7 18.78 20.93 6.52
CA ALA B 7 19.40 19.79 5.86
C ALA B 7 19.68 20.09 4.40
N LEU B 8 18.66 20.59 3.67
CA LEU B 8 18.83 20.89 2.27
C LEU B 8 19.90 21.97 2.09
N ALA B 9 19.97 22.94 3.02
CA ALA B 9 20.96 24.00 2.93
C ALA B 9 22.36 23.42 3.13
N THR B 10 22.52 22.56 4.13
CA THR B 10 23.80 21.89 4.38
C THR B 10 24.20 21.07 3.15
N ALA B 11 23.25 20.38 2.53
CA ALA B 11 23.54 19.50 1.40
C ALA B 11 24.06 20.32 0.22
N ALA B 12 23.40 21.46 -0.05
CA ALA B 12 23.76 22.28 -1.19
C ALA B 12 25.10 22.97 -0.93
N ALA B 13 25.42 23.24 0.35
CA ALA B 13 26.69 23.86 0.70
C ALA B 13 27.85 22.89 0.52
N ILE B 14 27.60 21.60 0.82
CA ILE B 14 28.60 20.56 0.60
C ILE B 14 28.79 20.38 -0.92
N ARG B 15 27.68 20.35 -1.67
CA ARG B 15 27.74 20.17 -3.11
C ARG B 15 28.48 21.33 -3.77
N SER B 16 28.31 22.56 -3.27
CA SER B 16 28.89 23.73 -3.89
C SER B 16 30.34 23.93 -3.45
N GLY B 17 30.81 23.16 -2.45
CA GLY B 17 32.18 23.23 -1.99
C GLY B 17 32.37 24.27 -0.90
N ALA B 18 31.28 24.81 -0.34
CA ALA B 18 31.34 25.78 0.74
C ALA B 18 31.73 25.10 2.06
N THR B 19 31.46 23.79 2.16
CA THR B 19 31.93 22.99 3.28
C THR B 19 32.06 21.54 2.79
N THR B 20 32.39 20.63 3.72
CA THR B 20 32.52 19.21 3.45
C THR B 20 31.67 18.42 4.45
N ALA B 21 31.42 17.15 4.12
CA ALA B 21 30.75 16.23 5.02
C ALA B 21 31.54 16.09 6.32
N ARG B 22 32.87 15.95 6.19
CA ARG B 22 33.76 15.80 7.34
C ARG B 22 33.60 17.00 8.28
N ALA B 23 33.59 18.22 7.72
CA ALA B 23 33.46 19.41 8.56
C ALA B 23 32.12 19.37 9.30
N GLU B 24 31.05 19.04 8.57
CA GLU B 24 29.71 19.04 9.13
C GLU B 24 29.58 18.01 10.24
N THR B 25 30.20 16.84 10.05
CA THR B 25 30.19 15.79 11.06
C THR B 25 31.03 16.19 12.29
N GLU B 26 32.17 16.85 12.04
CA GLU B 26 33.03 17.32 13.12
C GLU B 26 32.27 18.34 13.97
N ALA B 27 31.65 19.30 13.29
CA ALA B 27 30.91 20.37 13.95
C ALA B 27 29.75 19.81 14.77
N ALA B 28 29.02 18.83 14.20
CA ALA B 28 27.87 18.27 14.88
C ALA B 28 28.30 17.50 16.12
N ILE B 29 29.39 16.73 16.00
CA ILE B 29 29.97 16.04 17.15
C ILE B 29 30.29 17.05 18.26
N ALA B 30 30.91 18.17 17.87
CA ALA B 30 31.30 19.20 18.83
C ALA B 30 30.06 19.74 19.56
N ARG B 31 29.00 20.01 18.79
CA ARG B 31 27.75 20.54 19.35
C ARG B 31 27.13 19.54 20.31
N ILE B 32 27.19 18.24 19.98
CA ILE B 32 26.64 17.22 20.83
C ILE B 32 27.43 17.17 22.14
N GLU B 33 28.76 17.11 22.04
CA GLU B 33 29.62 17.05 23.21
C GLU B 33 29.45 18.31 24.06
N ALA B 34 29.40 19.48 23.40
CA ALA B 34 29.12 20.74 24.06
C ALA B 34 27.80 20.71 24.84
N LEU B 35 26.72 20.24 24.18
CA LEU B 35 25.36 20.58 24.60
C LEU B 35 24.66 19.38 25.24
N ASP B 36 25.09 18.17 24.84
CA ASP B 36 24.46 16.95 25.32
C ASP B 36 24.89 16.70 26.76
N GLY B 37 26.00 17.33 27.20
CA GLY B 37 26.29 17.46 28.62
C GLY B 37 25.01 17.72 29.43
N ALA B 38 24.22 18.72 29.02
CA ALA B 38 23.03 19.15 29.72
C ALA B 38 21.74 18.54 29.15
N ILE B 39 21.71 18.28 27.84
CA ILE B 39 20.54 17.61 27.21
C ILE B 39 21.00 16.20 26.92
N ASN B 40 20.54 15.16 27.59
CA ASN B 40 21.09 13.82 27.21
C ASN B 40 20.23 13.23 26.08
N ALA B 41 20.54 13.60 24.83
CA ALA B 41 19.72 13.12 23.69
C ALA B 41 20.41 11.96 22.98
N VAL B 42 21.68 12.15 22.61
CA VAL B 42 22.41 11.14 21.86
C VAL B 42 22.96 10.07 22.80
N VAL B 43 22.21 8.98 22.97
CA VAL B 43 22.47 7.94 23.96
C VAL B 43 23.36 6.84 23.37
N VAL B 44 23.49 6.79 22.04
CA VAL B 44 24.35 5.83 21.37
C VAL B 44 25.14 6.62 20.34
N ARG B 45 26.46 6.65 20.52
CA ARG B 45 27.33 7.45 19.69
C ARG B 45 28.14 6.52 18.80
N ASP B 46 28.34 6.95 17.56
CA ASP B 46 29.00 6.16 16.55
C ASP B 46 29.93 7.10 15.79
N PHE B 47 30.68 7.92 16.54
CA PHE B 47 31.35 9.09 16.00
C PHE B 47 32.51 8.71 15.10
N ASP B 48 33.25 7.65 15.45
CA ASP B 48 34.40 7.27 14.65
C ASP B 48 33.94 6.74 13.30
N ARG B 49 32.98 5.82 13.31
CA ARG B 49 32.46 5.24 12.04
C ARG B 49 31.81 6.36 11.23
N ALA B 50 31.17 7.32 11.90
CA ALA B 50 30.51 8.43 11.23
C ALA B 50 31.52 9.29 10.47
N LEU B 51 32.67 9.57 11.10
CA LEU B 51 33.68 10.42 10.47
C LEU B 51 34.23 9.73 9.22
N ALA B 52 34.42 8.42 9.32
CA ALA B 52 34.87 7.64 8.17
C ALA B 52 33.81 7.66 7.07
N ALA B 53 32.53 7.59 7.45
CA ALA B 53 31.46 7.63 6.45
C ALA B 53 31.38 9.02 5.82
N ALA B 54 31.59 10.06 6.64
CA ALA B 54 31.69 11.42 6.12
C ALA B 54 32.79 11.52 5.07
N ASP B 55 33.91 10.84 5.35
CA ASP B 55 35.04 10.83 4.39
C ASP B 55 34.56 10.15 3.11
N ALA B 56 33.89 9.01 3.25
CA ALA B 56 33.35 8.32 2.09
C ALA B 56 32.42 9.22 1.28
N ALA B 57 31.58 10.00 1.97
CA ALA B 57 30.62 10.85 1.31
C ALA B 57 31.35 11.96 0.56
N ASP B 58 32.44 12.48 1.16
CA ASP B 58 33.23 13.50 0.53
C ASP B 58 33.83 12.96 -0.77
N ALA B 59 34.32 11.73 -0.73
CA ALA B 59 34.84 11.09 -1.94
C ALA B 59 33.73 11.06 -3.00
N ARG B 60 32.52 10.64 -2.59
CA ARG B 60 31.39 10.57 -3.51
C ARG B 60 31.15 11.93 -4.15
N ILE B 61 31.18 13.00 -3.33
CA ILE B 61 30.95 14.36 -3.81
C ILE B 61 31.97 14.69 -4.89
N GLN B 62 33.26 14.45 -4.58
CA GLN B 62 34.32 14.75 -5.54
C GLN B 62 34.19 13.90 -6.79
N ALA B 63 33.62 12.69 -6.70
CA ALA B 63 33.37 11.87 -7.87
C ALA B 63 32.13 12.34 -8.65
N GLY B 64 31.50 13.45 -8.22
CA GLY B 64 30.42 14.07 -8.98
C GLY B 64 29.02 13.61 -8.53
N ASP B 65 28.92 12.90 -7.41
CA ASP B 65 27.65 12.33 -6.98
C ASP B 65 26.75 13.44 -6.45
N THR B 66 25.44 13.30 -6.69
CA THR B 66 24.48 14.39 -6.53
C THR B 66 23.28 13.98 -5.65
N ALA B 67 23.50 13.09 -4.68
CA ALA B 67 22.41 12.53 -3.88
C ALA B 67 21.93 13.58 -2.88
N PRO B 68 20.61 13.66 -2.58
CA PRO B 68 20.04 14.86 -1.95
C PRO B 68 20.41 15.17 -0.51
N LEU B 69 20.94 14.18 0.24
CA LEU B 69 21.36 14.38 1.62
C LEU B 69 22.86 14.09 1.80
N LEU B 70 23.64 14.15 0.72
CA LEU B 70 25.05 13.77 0.78
C LEU B 70 25.80 14.65 1.78
N GLY B 71 26.34 14.00 2.82
CA GLY B 71 27.19 14.68 3.78
C GLY B 71 26.41 15.26 4.96
N VAL B 72 25.08 15.14 4.95
CA VAL B 72 24.25 15.75 5.98
C VAL B 72 24.26 14.84 7.22
N PRO B 73 24.72 15.37 8.37
CA PRO B 73 24.75 14.59 9.60
C PRO B 73 23.35 14.48 10.20
N MET B 74 23.09 13.38 10.92
CA MET B 74 21.79 13.21 11.53
C MET B 74 21.90 12.11 12.56
N THR B 75 20.87 12.04 13.41
CA THR B 75 20.67 10.90 14.28
C THR B 75 19.30 10.29 14.00
N VAL B 76 19.05 9.12 14.61
CA VAL B 76 17.77 8.44 14.48
C VAL B 76 17.39 7.89 15.84
N LYS B 77 16.09 7.70 16.06
CA LYS B 77 15.61 7.14 17.31
C LYS B 77 16.30 5.79 17.57
N GLU B 78 16.54 5.50 18.85
CA GLU B 78 17.33 4.33 19.25
C GLU B 78 16.60 3.04 18.87
N ALA B 79 15.30 3.13 18.53
CA ALA B 79 14.52 1.94 18.22
C ALA B 79 14.80 1.43 16.81
N PHE B 80 15.58 2.20 16.01
CA PHE B 80 15.95 1.78 14.68
C PHE B 80 17.24 0.97 14.74
N ASP B 81 17.25 -0.19 14.08
CA ASP B 81 18.49 -0.92 13.87
C ASP B 81 19.43 -0.11 13.01
N VAL B 82 20.65 0.07 13.52
CA VAL B 82 21.76 0.55 12.73
C VAL B 82 22.85 -0.51 12.90
N GLU B 83 23.29 -1.07 11.77
CA GLU B 83 24.29 -2.14 11.73
C GLU B 83 25.41 -1.87 12.74
N GLY B 84 25.58 -2.79 13.70
CA GLY B 84 26.72 -2.73 14.62
C GLY B 84 26.45 -1.93 15.89
N LEU B 85 25.27 -1.29 16.00
CA LEU B 85 24.90 -0.60 17.22
C LEU B 85 23.83 -1.40 17.95
N PRO B 86 23.72 -1.23 19.29
CA PRO B 86 22.68 -1.90 20.06
C PRO B 86 21.26 -1.37 19.80
N THR B 87 20.26 -2.25 19.86
CA THR B 87 18.85 -1.86 19.90
C THR B 87 18.18 -2.62 21.04
N HIS B 88 17.39 -1.96 21.91
CA HIS B 88 16.53 -2.64 22.86
C HIS B 88 15.30 -3.22 22.15
N ASN B 97 21.63 -5.74 22.57
CA ASN B 97 21.48 -6.61 21.36
C ASN B 97 21.94 -5.85 20.12
N ILE B 98 22.98 -6.37 19.42
CA ILE B 98 23.64 -5.65 18.35
C ILE B 98 22.97 -5.97 17.01
N ALA B 99 22.61 -4.91 16.28
CA ALA B 99 21.96 -5.04 15.00
C ALA B 99 22.97 -5.53 13.96
N THR B 100 22.56 -6.54 13.17
CA THR B 100 23.39 -7.09 12.11
C THR B 100 23.06 -6.47 10.77
N SER B 101 21.97 -5.70 10.69
CA SER B 101 21.71 -4.91 9.50
C SER B 101 20.99 -3.61 9.87
N ASP B 102 21.09 -2.63 8.96
CA ASP B 102 20.36 -1.38 9.05
C ASP B 102 18.87 -1.61 8.81
N ALA B 103 18.02 -0.91 9.58
CA ALA B 103 16.62 -0.74 9.20
C ALA B 103 16.49 -0.20 7.78
N GLU B 104 15.39 -0.55 7.13
CA GLU B 104 15.11 -0.08 5.78
C GLU B 104 15.22 1.44 5.70
N ALA B 105 14.63 2.15 6.66
CA ALA B 105 14.64 3.61 6.61
C ALA B 105 16.06 4.16 6.71
N VAL B 106 16.86 3.55 7.58
CA VAL B 106 18.27 3.90 7.72
C VAL B 106 19.04 3.58 6.43
N ARG B 107 18.72 2.44 5.81
CA ARG B 107 19.33 2.08 4.55
C ARG B 107 19.07 3.18 3.52
N ARG B 108 17.84 3.65 3.45
CA ARG B 108 17.47 4.65 2.46
C ARG B 108 18.17 5.97 2.76
N LEU B 109 18.26 6.34 4.04
CA LEU B 109 18.91 7.59 4.40
C LEU B 109 20.39 7.54 4.01
N LYS B 110 21.08 6.44 4.33
CA LYS B 110 22.47 6.28 3.94
C LYS B 110 22.63 6.29 2.42
N ALA B 111 21.74 5.61 1.69
CA ALA B 111 21.83 5.61 0.23
C ALA B 111 21.71 7.03 -0.30
N ALA B 112 20.89 7.87 0.34
CA ALA B 112 20.78 9.27 -0.07
C ALA B 112 21.98 10.10 0.40
N GLY B 113 22.88 9.52 1.22
CA GLY B 113 24.15 10.18 1.54
C GLY B 113 24.23 10.72 2.97
N ALA B 114 23.19 10.53 3.76
CA ALA B 114 23.18 11.10 5.11
C ALA B 114 24.18 10.34 5.97
N ILE B 115 24.72 11.02 7.01
CA ILE B 115 25.63 10.41 7.95
C ILE B 115 24.94 10.27 9.30
N ILE B 116 24.80 9.02 9.75
CA ILE B 116 24.19 8.67 11.01
C ILE B 116 25.26 8.70 12.10
N LEU B 117 25.18 9.72 12.96
CA LEU B 117 26.18 9.94 14.00
C LEU B 117 25.90 9.03 15.19
N GLY B 118 24.67 8.51 15.28
CA GLY B 118 24.26 7.77 16.45
C GLY B 118 22.75 7.84 16.61
N LYS B 119 22.29 7.43 17.78
CA LYS B 119 20.87 7.23 18.03
C LYS B 119 20.48 8.03 19.27
N THR B 120 19.25 8.56 19.27
CA THR B 120 18.70 9.38 20.34
C THR B 120 17.76 8.54 21.19
N ASN B 121 17.66 8.90 22.48
CA ASN B 121 16.90 8.09 23.42
C ASN B 121 15.42 8.22 23.10
N VAL B 122 14.63 7.22 23.50
CA VAL B 122 13.22 7.22 23.19
C VAL B 122 12.57 8.37 23.97
N PRO B 123 11.67 9.18 23.34
CA PRO B 123 11.02 10.32 24.02
C PRO B 123 10.54 10.02 25.43
N GLY B 154 11.42 13.81 24.28
CA GLY B 154 11.73 13.67 22.84
C GLY B 154 13.22 13.82 22.56
N GLY B 155 13.95 12.70 22.63
CA GLY B 155 15.31 12.62 22.12
C GLY B 155 15.47 13.27 20.75
N SER B 156 14.84 12.71 19.70
CA SER B 156 14.96 13.27 18.36
C SER B 156 14.64 14.78 18.34
N ALA B 157 13.55 15.17 19.01
CA ALA B 157 13.07 16.54 18.95
C ALA B 157 14.05 17.46 19.68
N ALA B 158 14.68 16.94 20.74
CA ALA B 158 15.65 17.69 21.52
C ALA B 158 16.91 17.91 20.71
N ALA B 159 17.36 16.86 20.01
CA ALA B 159 18.54 16.97 19.16
C ALA B 159 18.33 18.02 18.09
N LEU B 160 17.11 18.11 17.54
CA LEU B 160 16.80 19.09 16.51
C LEU B 160 16.72 20.50 17.11
N ALA B 161 16.00 20.62 18.21
CA ALA B 161 15.70 21.91 18.82
C ALA B 161 16.99 22.56 19.32
N SER B 162 17.89 21.74 19.89
CA SER B 162 19.18 22.21 20.40
C SER B 162 20.17 22.52 19.28
N GLY B 163 19.86 22.13 18.04
CA GLY B 163 20.69 22.49 16.91
C GLY B 163 21.76 21.43 16.58
N MET B 164 21.79 20.33 17.33
CA MET B 164 22.81 19.31 17.16
C MET B 164 22.84 18.78 15.73
N VAL B 165 21.67 18.44 15.18
CA VAL B 165 21.60 17.94 13.82
C VAL B 165 20.36 18.54 13.16
N PRO B 166 20.34 18.64 11.82
CA PRO B 166 19.16 19.14 11.10
C PRO B 166 18.09 18.13 10.67
N LEU B 167 18.40 16.86 10.81
CA LEU B 167 17.43 15.80 10.39
C LEU B 167 17.32 14.77 11.50
N GLU B 168 16.14 14.19 11.63
CA GLU B 168 15.97 13.09 12.58
C GLU B 168 14.88 12.14 12.06
N LEU B 169 14.68 11.05 12.78
CA LEU B 169 13.74 10.02 12.32
C LEU B 169 13.09 9.41 13.55
N GLY B 170 11.79 9.59 13.66
CA GLY B 170 11.05 9.10 14.80
C GLY B 170 10.03 8.05 14.36
N SER B 171 9.21 7.66 15.32
CA SER B 171 8.17 6.64 15.11
C SER B 171 6.97 7.02 15.97
N ASP B 172 5.75 6.78 15.46
CA ASP B 172 4.51 7.17 16.17
C ASP B 172 4.11 6.05 17.14
N ILE B 173 4.71 6.06 18.33
CA ILE B 173 4.30 5.13 19.42
C ILE B 173 3.60 6.03 20.45
N GLY B 174 2.29 6.24 20.30
CA GLY B 174 1.56 7.16 21.18
C GLY B 174 1.97 8.61 20.96
N GLY B 175 1.93 9.11 19.73
CA GLY B 175 2.24 10.51 19.40
C GLY B 175 3.71 10.87 19.60
N SER B 176 4.61 9.88 19.54
CA SER B 176 6.06 10.11 19.82
C SER B 176 6.78 10.89 18.71
N ILE B 177 6.12 11.29 17.64
CA ILE B 177 6.74 12.22 16.66
C ILE B 177 6.12 13.60 16.87
N ARG B 178 4.80 13.68 16.89
CA ARG B 178 4.10 14.95 16.88
C ARG B 178 4.21 15.66 18.24
N ILE B 179 4.09 14.92 19.35
CA ILE B 179 4.01 15.57 20.64
C ILE B 179 5.38 16.15 21.00
N PRO B 180 6.49 15.40 20.88
CA PRO B 180 7.82 15.99 21.06
C PRO B 180 8.11 17.17 20.15
N ALA B 181 7.65 17.10 18.90
CA ALA B 181 7.88 18.18 17.97
C ALA B 181 7.18 19.46 18.46
N HIS B 182 5.97 19.28 18.95
CA HIS B 182 5.16 20.34 19.53
C HIS B 182 5.82 20.89 20.80
N PHE B 183 6.20 20.00 21.73
CA PHE B 183 6.87 20.39 22.96
C PHE B 183 8.15 21.20 22.71
N CYS B 184 8.90 20.86 21.65
CA CYS B 184 10.25 21.33 21.46
C CYS B 184 10.38 22.37 20.36
N GLY B 185 9.30 22.65 19.62
CA GLY B 185 9.32 23.72 18.64
C GLY B 185 9.93 23.30 17.31
N VAL B 186 9.80 22.02 16.95
CA VAL B 186 10.34 21.59 15.67
C VAL B 186 9.20 20.99 14.84
N TRP B 187 9.54 20.50 13.64
CA TRP B 187 8.57 19.97 12.69
C TRP B 187 8.62 18.45 12.66
N GLY B 188 7.44 17.85 12.52
CA GLY B 188 7.34 16.39 12.41
C GLY B 188 6.22 15.97 11.47
N LEU B 189 6.45 14.91 10.70
CA LEU B 189 5.45 14.28 9.86
C LEU B 189 5.17 12.88 10.43
N LYS B 190 3.89 12.64 10.73
CA LYS B 190 3.41 11.30 11.08
C LYS B 190 2.73 10.89 9.75
N PRO B 191 3.39 10.12 8.89
CA PRO B 191 2.87 9.85 7.54
C PRO B 191 1.60 9.00 7.53
N SER B 192 0.97 8.92 6.35
CA SER B 192 -0.06 7.92 6.09
C SER B 192 0.41 6.54 6.54
N TRP B 193 -0.47 5.78 7.20
CA TRP B 193 -0.14 4.41 7.56
C TRP B 193 0.33 3.63 6.33
N GLY B 194 1.47 2.94 6.44
CA GLY B 194 1.99 2.07 5.38
C GLY B 194 2.81 2.82 4.31
N ALA B 195 2.96 4.14 4.42
CA ALA B 195 3.67 4.89 3.39
C ALA B 195 5.16 4.56 3.38
N ILE B 196 5.72 4.28 4.56
CA ILE B 196 7.14 4.09 4.77
C ILE B 196 7.31 2.77 5.50
N SER B 197 8.25 1.93 5.03
CA SER B 197 8.49 0.64 5.65
C SER B 197 9.09 0.85 7.03
N SER B 198 8.56 0.12 8.01
CA SER B 198 9.12 0.19 9.34
C SER B 198 9.97 -1.06 9.62
N HIS B 199 10.46 -1.74 8.59
CA HIS B 199 11.35 -2.88 8.81
C HIS B 199 12.65 -2.43 9.51
N GLY B 200 13.00 -3.13 10.60
CA GLY B 200 14.23 -2.84 11.34
C GLY B 200 14.00 -1.86 12.49
N HIS B 201 12.74 -1.42 12.64
CA HIS B 201 12.32 -0.59 13.76
C HIS B 201 11.53 -1.49 14.70
N ARG B 202 11.83 -1.44 15.99
CA ARG B 202 11.21 -2.37 16.91
C ARG B 202 9.94 -1.71 17.49
N ASN B 207 7.44 -9.32 16.12
CA ASN B 207 8.65 -9.98 15.55
C ASN B 207 8.52 -9.89 14.04
N GLY B 208 8.10 -8.75 13.45
CA GLY B 208 8.13 -8.69 11.98
C GLY B 208 7.07 -7.92 11.21
N ALA B 209 5.79 -8.07 11.51
CA ALA B 209 4.76 -7.42 10.67
C ALA B 209 4.54 -5.95 11.02
N GLU B 210 3.87 -5.21 10.13
CA GLU B 210 3.53 -3.80 10.43
C GLU B 210 2.38 -3.82 11.45
N THR B 211 2.33 -2.83 12.32
CA THR B 211 1.29 -2.75 13.35
C THR B 211 0.24 -1.72 12.91
N PRO B 212 -1.04 -1.89 13.25
CA PRO B 212 -2.09 -1.05 12.66
C PRO B 212 -2.13 0.43 13.06
N LEU B 213 -1.31 0.83 14.04
CA LEU B 213 -1.22 2.20 14.50
C LEU B 213 0.14 2.84 14.19
N GLY B 214 1.20 2.03 14.26
CA GLY B 214 2.57 2.51 14.21
C GLY B 214 2.97 2.98 12.82
N VAL B 215 3.71 4.10 12.76
CA VAL B 215 4.35 4.53 11.53
C VAL B 215 5.70 5.06 11.94
N ILE B 216 6.63 5.11 10.98
CA ILE B 216 7.84 5.86 11.20
C ILE B 216 7.75 7.14 10.38
N GLY B 217 8.47 8.19 10.78
CA GLY B 217 8.35 9.45 10.05
C GLY B 217 9.47 10.43 10.35
N PRO B 218 9.71 11.36 9.42
CA PRO B 218 10.81 12.32 9.56
C PRO B 218 10.50 13.48 10.49
N MET B 219 11.57 14.01 11.07
CA MET B 219 11.52 15.20 11.90
C MET B 219 12.63 16.13 11.42
N ALA B 220 12.35 17.44 11.41
CA ALA B 220 13.29 18.42 10.91
C ALA B 220 12.94 19.79 11.50
N ARG B 221 13.60 20.85 11.00
CA ARG B 221 13.31 22.21 11.41
C ARG B 221 12.76 22.99 10.23
N SER B 222 12.32 22.27 9.19
CA SER B 222 11.92 22.85 7.93
C SER B 222 10.92 21.95 7.22
N PRO B 223 9.87 22.51 6.56
CA PRO B 223 8.94 21.72 5.76
C PRO B 223 9.59 21.14 4.50
N ASP B 224 10.50 21.87 3.88
CA ASP B 224 11.19 21.35 2.70
C ASP B 224 12.02 20.14 3.08
N ASP B 225 12.58 20.19 4.30
CA ASP B 225 13.33 19.05 4.80
C ASP B 225 12.40 17.83 4.97
N LEU B 226 11.22 18.04 5.57
CA LEU B 226 10.25 16.97 5.75
C LEU B 226 9.88 16.35 4.41
N ALA B 227 9.60 17.21 3.42
CA ALA B 227 9.14 16.76 2.12
C ALA B 227 10.22 15.91 1.42
N ALA B 228 11.48 16.32 1.50
CA ALA B 228 12.56 15.58 0.86
C ALA B 228 12.74 14.23 1.57
N MET B 229 12.64 14.23 2.90
CA MET B 229 12.75 12.98 3.63
C MET B 229 11.63 12.02 3.19
N LEU B 230 10.40 12.52 3.09
CA LEU B 230 9.26 11.69 2.73
C LEU B 230 9.52 11.01 1.38
N ASP B 231 9.98 11.78 0.40
CA ASP B 231 10.22 11.27 -0.94
C ASP B 231 11.32 10.22 -0.97
N LEU B 232 12.28 10.29 -0.06
CA LEU B 232 13.36 9.31 0.04
C LEU B 232 12.88 8.06 0.73
N LEU B 233 12.00 8.24 1.73
CA LEU B 233 11.59 7.14 2.58
C LEU B 233 10.40 6.35 2.01
N ALA B 234 9.57 6.98 1.18
CA ALA B 234 8.30 6.39 0.77
C ALA B 234 8.54 5.14 -0.08
N THR B 235 7.81 4.06 0.21
CA THR B 235 7.93 2.82 -0.56
C THR B 235 7.55 3.06 -2.02
N LEU B 236 6.44 3.76 -2.28
CA LEU B 236 6.00 4.13 -3.61
C LEU B 236 5.77 5.64 -3.62
N PRO B 237 5.89 6.33 -4.78
CA PRO B 237 5.78 7.78 -4.83
C PRO B 237 4.44 8.29 -4.31
N MET B 238 4.52 9.27 -3.40
CA MET B 238 3.37 9.84 -2.72
C MET B 238 2.79 10.97 -3.58
N PRO B 239 1.46 11.19 -3.61
CA PRO B 239 0.89 12.25 -4.43
C PRO B 239 1.50 13.61 -4.11
N ARG B 240 1.73 14.41 -5.16
CA ARG B 240 2.31 15.74 -5.00
C ARG B 240 1.27 16.66 -4.40
N ALA B 241 1.73 17.74 -3.78
CA ALA B 241 0.81 18.73 -3.23
C ALA B 241 -0.11 19.23 -4.34
N SER B 242 -1.41 19.25 -4.07
CA SER B 242 -2.38 19.82 -4.97
C SER B 242 -2.48 21.33 -4.69
N ARG B 243 -3.55 21.95 -5.18
CA ARG B 243 -3.81 23.36 -4.94
C ARG B 243 -3.75 23.70 -3.44
N PRO B 244 -3.49 24.97 -3.08
CA PRO B 244 -3.67 25.42 -1.69
C PRO B 244 -5.08 25.04 -1.22
N PRO B 245 -5.28 24.83 0.09
CA PRO B 245 -6.59 24.45 0.62
C PRO B 245 -7.58 25.61 0.42
N ARG B 246 -8.86 25.27 0.24
CA ARG B 246 -9.90 26.28 0.10
C ARG B 246 -10.82 26.25 1.32
N ARG B 247 -10.87 25.10 2.00
CA ARG B 247 -11.71 24.99 3.21
C ARG B 247 -10.99 24.13 4.26
N VAL B 248 -11.09 24.54 5.52
CA VAL B 248 -10.41 23.86 6.61
C VAL B 248 -11.36 23.74 7.79
N LEU B 249 -11.31 22.60 8.48
CA LEU B 249 -11.97 22.44 9.76
C LEU B 249 -10.95 22.72 10.86
N ALA B 250 -11.29 23.65 11.76
CA ALA B 250 -10.47 23.90 12.95
C ALA B 250 -11.21 23.37 14.16
N ILE B 251 -10.56 22.51 14.96
CA ILE B 251 -11.16 22.04 16.20
C ILE B 251 -10.19 22.31 17.35
N THR B 252 -10.75 22.60 18.53
CA THR B 252 -9.97 23.02 19.68
C THR B 252 -10.36 22.24 20.93
N ASP B 253 -11.41 21.41 20.86
CA ASP B 253 -11.91 20.69 22.02
C ASP B 253 -12.06 19.22 21.66
N HIS B 254 -11.51 18.35 22.52
CA HIS B 254 -11.62 16.91 22.37
C HIS B 254 -12.33 16.35 23.59
N PRO B 255 -13.35 15.50 23.41
CA PRO B 255 -14.14 15.02 24.54
C PRO B 255 -13.36 14.27 25.62
N ALA B 256 -12.16 13.76 25.31
CA ALA B 256 -11.50 12.86 26.21
C ALA B 256 -10.53 13.59 27.15
N ILE B 257 -10.28 14.87 26.93
CA ILE B 257 -9.31 15.60 27.72
C ILE B 257 -9.55 17.10 27.57
N ARG B 258 -9.23 17.86 28.61
CA ARG B 258 -9.32 19.30 28.52
C ARG B 258 -8.04 19.84 27.88
N THR B 259 -8.18 20.75 26.91
CA THR B 259 -7.04 21.35 26.26
C THR B 259 -6.72 22.72 26.87
N SER B 260 -5.43 22.98 27.11
CA SER B 260 -5.01 24.26 27.66
C SER B 260 -5.34 25.39 26.71
N ALA B 261 -5.53 26.59 27.28
CA ALA B 261 -5.90 27.74 26.48
C ALA B 261 -4.80 28.05 25.47
N VAL B 262 -3.55 27.80 25.85
CA VAL B 262 -2.44 28.13 24.98
C VAL B 262 -2.54 27.28 23.69
N CYS B 263 -2.82 25.99 23.85
CA CYS B 263 -2.91 25.11 22.70
C CYS B 263 -4.13 25.49 21.85
N ARG B 264 -5.26 25.78 22.52
CA ARG B 264 -6.45 26.21 21.80
C ARG B 264 -6.17 27.51 21.05
N ASP B 265 -5.54 28.48 21.72
CA ASP B 265 -5.29 29.78 21.09
C ASP B 265 -4.41 29.61 19.86
N ALA B 266 -3.46 28.66 19.90
CA ALA B 266 -2.58 28.43 18.77
C ALA B 266 -3.36 27.99 17.52
N VAL B 267 -4.33 27.09 17.72
CA VAL B 267 -5.18 26.65 16.63
C VAL B 267 -5.99 27.86 16.12
N ASP B 268 -6.55 28.62 17.05
CA ASP B 268 -7.34 29.81 16.69
C ASP B 268 -6.48 30.79 15.91
N THR B 269 -5.23 31.00 16.32
CA THR B 269 -4.33 31.89 15.60
C THR B 269 -4.13 31.42 14.16
N ALA B 270 -3.89 30.12 14.01
CA ALA B 270 -3.70 29.54 12.68
C ALA B 270 -4.97 29.68 11.86
N ALA B 271 -6.13 29.42 12.46
CA ALA B 271 -7.40 29.51 11.77
C ALA B 271 -7.62 30.92 11.22
N GLU B 272 -7.32 31.92 12.06
CA GLU B 272 -7.56 33.31 11.71
C GLU B 272 -6.62 33.73 10.59
N ALA B 273 -5.36 33.27 10.65
CA ALA B 273 -4.40 33.56 9.59
C ALA B 273 -4.89 32.97 8.27
N LEU B 274 -5.45 31.75 8.31
CA LEU B 274 -5.89 31.13 7.08
C LEU B 274 -7.09 31.89 6.52
N ALA B 275 -8.05 32.21 7.40
CA ALA B 275 -9.22 33.00 7.05
C ALA B 275 -8.79 34.31 6.38
N GLY B 276 -7.82 34.99 6.98
CA GLY B 276 -7.29 36.23 6.46
C GLY B 276 -6.65 36.09 5.08
N ALA B 277 -6.24 34.87 4.71
CA ALA B 277 -5.71 34.63 3.38
C ALA B 277 -6.81 34.16 2.44
N GLY B 278 -8.06 34.21 2.89
CA GLY B 278 -9.20 33.91 2.04
C GLY B 278 -9.59 32.43 2.04
N ILE B 279 -9.04 31.63 2.96
CA ILE B 279 -9.48 30.24 3.10
C ILE B 279 -10.65 30.16 4.08
N GLU B 280 -11.71 29.44 3.70
CA GLU B 280 -12.87 29.29 4.55
C GLU B 280 -12.53 28.33 5.70
N VAL B 281 -12.81 28.75 6.92
CA VAL B 281 -12.56 27.92 8.09
C VAL B 281 -13.91 27.60 8.72
N ILE B 282 -14.25 26.31 8.87
CA ILE B 282 -15.43 25.92 9.62
C ILE B 282 -15.00 25.35 10.98
N ARG B 283 -15.96 25.26 11.91
CA ARG B 283 -15.67 24.86 13.28
C ARG B 283 -16.48 23.65 13.67
N SER B 284 -17.41 23.27 12.79
CA SER B 284 -18.26 22.10 13.05
C SER B 284 -18.72 21.51 11.71
N THR B 285 -18.97 20.21 11.69
CA THR B 285 -19.48 19.55 10.46
C THR B 285 -20.14 18.27 10.90
N ASP B 286 -21.12 17.84 10.13
CA ASP B 286 -21.80 16.56 10.43
C ASP B 286 -20.89 15.40 10.04
N LEU B 287 -19.83 15.68 9.29
CA LEU B 287 -19.02 14.57 8.78
C LEU B 287 -17.86 14.24 9.72
N LEU B 288 -17.71 15.00 10.82
CA LEU B 288 -16.66 14.73 11.78
C LEU B 288 -16.96 13.43 12.49
N PRO B 289 -16.10 12.38 12.39
CA PRO B 289 -16.34 11.17 13.16
C PRO B 289 -16.43 11.47 14.64
N ASP B 290 -17.14 10.61 15.35
CA ASP B 290 -17.28 10.71 16.80
C ASP B 290 -15.92 10.49 17.46
N LEU B 291 -15.37 11.55 18.05
CA LEU B 291 -13.99 11.49 18.51
C LEU B 291 -13.88 10.72 19.82
N ALA B 292 -14.96 10.71 20.61
CA ALA B 292 -14.98 9.99 21.87
C ALA B 292 -14.85 8.50 21.60
N ARG B 293 -15.68 7.99 20.68
CA ARG B 293 -15.65 6.57 20.34
C ARG B 293 -14.34 6.21 19.65
N GLN B 294 -13.88 7.10 18.76
CA GLN B 294 -12.62 6.89 18.08
C GLN B 294 -11.50 6.74 19.11
N HIS B 295 -11.48 7.61 20.13
CA HIS B 295 -10.41 7.60 21.12
C HIS B 295 -10.47 6.33 21.97
N HIS B 296 -11.67 5.87 22.27
CA HIS B 296 -11.85 4.61 22.98
C HIS B 296 -11.29 3.46 22.14
N ALA B 297 -11.66 3.39 20.86
CA ALA B 297 -11.20 2.32 19.99
C ALA B 297 -9.68 2.37 19.83
N TYR B 298 -9.12 3.57 19.72
CA TYR B 298 -7.66 3.75 19.65
C TYR B 298 -6.97 3.18 20.88
N GLY B 299 -7.49 3.50 22.09
CA GLY B 299 -6.91 3.00 23.32
C GLY B 299 -6.96 1.47 23.41
N GLN B 300 -8.08 0.88 23.00
CA GLN B 300 -8.17 -0.57 22.93
C GLN B 300 -7.02 -1.14 22.08
N MET B 301 -6.86 -0.62 20.86
CA MET B 301 -5.85 -1.17 19.96
C MET B 301 -4.45 -0.94 20.50
N LEU B 302 -4.21 0.25 21.06
CA LEU B 302 -2.93 0.58 21.65
C LEU B 302 -2.61 -0.37 22.80
N SER B 303 -3.63 -0.79 23.56
CA SER B 303 -3.37 -1.60 24.74
C SER B 303 -3.00 -3.03 24.32
N VAL B 304 -3.46 -3.45 23.13
CA VAL B 304 -3.07 -4.73 22.57
C VAL B 304 -1.56 -4.73 22.33
N ALA B 305 -1.03 -3.68 21.69
CA ALA B 305 0.40 -3.61 21.42
C ALA B 305 1.21 -3.77 22.70
N PHE B 306 0.73 -3.20 23.81
CA PHE B 306 1.55 -3.20 25.01
C PHE B 306 1.28 -4.46 25.83
N ALA B 307 0.09 -5.03 25.71
CA ALA B 307 -0.21 -6.30 26.35
C ALA B 307 0.62 -7.41 25.71
N ARG B 308 0.78 -7.33 24.38
CA ARG B 308 1.49 -8.36 23.63
C ARG B 308 2.97 -8.33 23.99
N SER B 309 3.44 -7.14 24.39
CA SER B 309 4.84 -6.89 24.66
C SER B 309 5.30 -7.57 25.95
N ASP B 310 4.37 -7.99 26.83
CA ASP B 310 4.73 -8.61 28.09
C ASP B 310 3.87 -9.85 28.34
N PRO B 311 4.48 -11.06 28.46
CA PRO B 311 3.71 -12.31 28.57
C PRO B 311 2.77 -12.40 29.77
N THR B 312 3.04 -11.63 30.83
CA THR B 312 2.21 -11.64 32.02
C THR B 312 0.84 -11.07 31.67
N LEU B 313 0.75 -10.21 30.64
CA LEU B 313 -0.53 -9.59 30.28
C LEU B 313 -1.21 -10.35 29.14
N HIS B 314 -0.66 -11.51 28.73
CA HIS B 314 -1.17 -12.27 27.60
C HIS B 314 -2.59 -12.76 27.86
N ALA B 315 -2.92 -13.02 29.13
CA ALA B 315 -4.26 -13.44 29.53
C ALA B 315 -5.28 -12.35 29.23
N SER B 316 -4.89 -11.07 29.27
CA SER B 316 -5.85 -9.99 29.17
C SER B 316 -6.08 -9.53 27.73
N LEU B 317 -5.45 -10.18 26.75
CA LEU B 317 -5.68 -9.84 25.35
C LEU B 317 -7.13 -10.14 24.99
N PRO B 318 -7.75 -9.41 24.03
CA PRO B 318 -9.04 -9.82 23.50
C PRO B 318 -8.91 -11.09 22.68
N ASN B 319 -10.05 -11.72 22.42
CA ASN B 319 -10.09 -12.87 21.55
C ASN B 319 -10.03 -12.41 20.10
N LEU B 320 -9.82 -13.36 19.20
CA LEU B 320 -9.58 -13.06 17.80
C LEU B 320 -10.79 -12.38 17.19
N LEU B 321 -11.98 -12.89 17.48
CA LEU B 321 -13.18 -12.32 16.90
C LEU B 321 -13.37 -10.85 17.31
N THR B 322 -13.04 -10.51 18.55
CA THR B 322 -13.07 -9.12 18.99
C THR B 322 -12.07 -8.29 18.17
N TRP B 323 -10.84 -8.82 18.04
CA TRP B 323 -9.80 -8.14 17.29
C TRP B 323 -10.28 -7.86 15.87
N LEU B 324 -10.88 -8.86 15.21
CA LEU B 324 -11.32 -8.68 13.83
C LEU B 324 -12.42 -7.63 13.76
N SER B 325 -13.31 -7.58 14.76
CA SER B 325 -14.29 -6.50 14.79
C SER B 325 -13.63 -5.13 14.97
N TRP B 326 -12.56 -5.03 15.78
CA TRP B 326 -11.86 -3.77 15.96
C TRP B 326 -11.21 -3.31 14.66
N GLN B 327 -10.68 -4.26 13.87
CA GLN B 327 -10.05 -3.90 12.62
C GLN B 327 -11.09 -3.41 11.62
N ASP B 328 -12.27 -4.05 11.60
CA ASP B 328 -13.33 -3.55 10.73
C ASP B 328 -13.72 -2.12 11.12
N ALA B 329 -13.83 -1.82 12.42
CA ALA B 329 -14.27 -0.49 12.81
C ALA B 329 -13.22 0.55 12.43
N GLN B 330 -11.93 0.16 12.52
CA GLN B 330 -10.84 1.06 12.14
C GLN B 330 -10.97 1.39 10.65
N ALA B 331 -11.18 0.37 9.81
CA ALA B 331 -11.36 0.57 8.39
C ALA B 331 -12.53 1.50 8.10
N ARG B 332 -13.66 1.33 8.80
CA ARG B 332 -14.80 2.19 8.60
C ARG B 332 -14.48 3.64 8.97
N ASN B 333 -13.74 3.82 10.07
CA ASN B 333 -13.32 5.13 10.54
C ASN B 333 -12.52 5.84 9.43
N THR B 334 -11.55 5.14 8.84
CA THR B 334 -10.74 5.72 7.78
C THR B 334 -11.65 6.26 6.69
N ARG B 335 -12.68 5.49 6.31
CA ARG B 335 -13.57 5.89 5.22
C ARG B 335 -14.42 7.09 5.63
N ALA B 336 -14.84 7.13 6.90
CA ALA B 336 -15.57 8.27 7.42
C ALA B 336 -14.71 9.52 7.31
N TRP B 337 -13.41 9.43 7.65
CA TRP B 337 -12.52 10.57 7.49
C TRP B 337 -12.42 10.96 6.02
N GLY B 338 -12.38 9.97 5.12
CA GLY B 338 -12.33 10.24 3.69
C GLY B 338 -13.54 11.08 3.25
N ARG B 339 -14.72 10.76 3.79
CA ARG B 339 -15.93 11.51 3.49
C ARG B 339 -15.79 12.94 4.00
N LEU B 340 -15.28 13.13 5.21
CA LEU B 340 -15.02 14.48 5.71
C LEU B 340 -14.13 15.23 4.75
N PHE B 341 -13.12 14.56 4.20
CA PHE B 341 -12.17 15.22 3.34
C PHE B 341 -12.73 15.45 1.93
N GLY B 342 -13.97 15.06 1.68
CA GLY B 342 -14.68 15.49 0.50
C GLY B 342 -15.22 16.92 0.65
N GLU B 343 -15.27 17.42 1.89
CA GLU B 343 -15.80 18.74 2.20
C GLU B 343 -14.68 19.70 2.62
N VAL B 344 -13.63 19.21 3.31
CA VAL B 344 -12.53 20.05 3.73
C VAL B 344 -11.22 19.50 3.18
N ASP B 345 -10.23 20.37 3.07
CA ASP B 345 -8.93 20.05 2.53
C ASP B 345 -7.93 19.71 3.64
N ALA B 346 -8.24 20.10 4.87
CA ALA B 346 -7.36 19.86 6.00
C ALA B 346 -8.13 20.12 7.29
N VAL B 347 -7.64 19.46 8.34
CA VAL B 347 -8.12 19.68 9.69
C VAL B 347 -6.95 20.23 10.49
N ILE B 348 -7.18 21.29 11.26
CA ILE B 348 -6.16 21.81 12.14
C ILE B 348 -6.64 21.62 13.58
N ALA B 349 -5.69 21.21 14.44
CA ALA B 349 -6.03 20.81 15.79
C ALA B 349 -4.81 20.91 16.67
N PRO B 350 -5.00 20.85 18.00
CA PRO B 350 -3.89 20.73 18.94
C PRO B 350 -3.13 19.44 18.69
N PRO B 351 -1.79 19.45 18.82
CA PRO B 351 -0.99 18.23 18.86
C PRO B 351 -1.13 17.45 20.16
N ALA B 352 -1.46 18.19 21.22
CA ALA B 352 -1.54 17.72 22.59
C ALA B 352 -2.27 18.75 23.44
N ALA B 353 -2.70 18.32 24.63
CA ALA B 353 -3.53 19.13 25.50
C ALA B 353 -2.72 20.23 26.19
N THR B 354 -1.39 20.08 26.22
CA THR B 354 -0.54 21.01 26.96
C THR B 354 0.70 21.31 26.14
N GLN B 355 1.49 22.23 26.70
CA GLN B 355 2.87 22.43 26.33
C GLN B 355 3.74 21.46 27.13
N ALA B 356 5.05 21.51 26.90
CA ALA B 356 5.98 20.66 27.64
C ALA B 356 5.71 20.82 29.14
N PHE B 357 5.57 19.67 29.83
CA PHE B 357 5.02 19.64 31.18
C PHE B 357 5.87 20.45 32.15
N THR B 368 12.68 6.20 43.26
CA THR B 368 11.61 5.30 42.77
C THR B 368 12.08 3.86 42.96
N LEU B 369 11.37 3.13 43.80
CA LEU B 369 11.71 1.73 44.12
C LEU B 369 10.92 0.80 43.19
N ASP B 370 9.93 1.36 42.50
CA ASP B 370 9.03 0.50 41.67
C ASP B 370 9.75 -0.01 40.42
N ILE B 371 9.33 -1.18 39.94
CA ILE B 371 9.86 -1.80 38.73
C ILE B 371 9.45 -1.02 37.45
N SER B 376 1.64 2.71 30.39
CA SER B 376 0.67 3.52 31.17
C SER B 376 -0.75 3.23 30.72
N PRO B 377 -1.66 2.89 31.65
CA PRO B 377 -3.09 2.82 31.33
C PRO B 377 -3.76 4.11 30.86
N TYR B 378 -3.10 5.27 31.06
CA TYR B 378 -3.72 6.58 30.87
C TYR B 378 -3.38 7.20 29.51
N ASP B 379 -4.30 7.02 28.56
CA ASP B 379 -4.08 7.40 27.19
C ASP B 379 -4.78 8.71 26.80
N ALA B 380 -5.38 9.49 27.72
CA ALA B 380 -6.08 10.70 27.32
C ALA B 380 -5.14 11.79 26.79
N HIS B 381 -3.86 11.78 27.23
CA HIS B 381 -2.88 12.71 26.68
C HIS B 381 -2.60 12.43 25.19
N LEU B 382 -2.96 11.23 24.75
CA LEU B 382 -2.77 10.81 23.37
C LEU B 382 -4.02 11.13 22.54
N ALA B 383 -5.06 11.74 23.12
CA ALA B 383 -6.31 11.94 22.42
C ALA B 383 -6.08 12.65 21.09
N TRP B 384 -5.33 13.75 21.13
CA TRP B 384 -5.15 14.57 19.95
C TRP B 384 -4.29 13.85 18.90
N ALA B 385 -3.35 13.02 19.34
CA ALA B 385 -2.54 12.21 18.42
C ALA B 385 -3.41 11.17 17.71
N GLY B 386 -4.32 10.57 18.47
CA GLY B 386 -5.18 9.48 18.01
C GLY B 386 -6.19 9.91 16.94
N VAL B 387 -6.54 11.20 16.89
CA VAL B 387 -7.39 11.71 15.82
C VAL B 387 -6.88 11.28 14.43
N ALA B 388 -5.57 11.39 14.19
CA ALA B 388 -4.97 10.98 12.93
C ALA B 388 -4.49 9.53 12.98
N THR B 389 -3.96 9.10 14.14
CA THR B 389 -3.30 7.81 14.20
C THR B 389 -4.29 6.67 13.95
N TYR B 390 -5.45 6.70 14.61
CA TYR B 390 -6.36 5.59 14.52
C TYR B 390 -6.76 5.33 13.06
N PRO B 391 -7.26 6.33 12.28
CA PRO B 391 -7.57 6.12 10.87
C PRO B 391 -6.39 5.96 9.91
N GLY B 392 -5.18 6.28 10.38
CA GLY B 392 -3.97 6.17 9.57
C GLY B 392 -3.72 7.39 8.68
N LEU B 393 -4.32 8.55 9.03
CA LEU B 393 -4.18 9.76 8.24
C LEU B 393 -2.84 10.42 8.49
N PRO B 394 -2.29 11.14 7.48
CA PRO B 394 -1.06 11.90 7.68
C PRO B 394 -1.35 13.15 8.52
N ALA B 395 -0.34 13.54 9.32
CA ALA B 395 -0.43 14.70 10.18
C ALA B 395 0.96 15.31 10.36
N VAL B 396 1.04 16.63 10.13
CA VAL B 396 2.24 17.40 10.34
C VAL B 396 2.03 18.33 11.54
N VAL B 397 3.01 18.34 12.43
CA VAL B 397 3.09 19.35 13.46
C VAL B 397 4.05 20.44 13.02
N VAL B 398 3.58 21.69 13.14
CA VAL B 398 4.30 22.89 12.78
C VAL B 398 4.37 23.84 13.99
N PRO B 399 5.57 24.39 14.31
CA PRO B 399 5.70 25.37 15.38
C PRO B 399 5.00 26.67 14.96
N VAL B 400 4.20 27.26 15.85
CA VAL B 400 3.56 28.54 15.54
C VAL B 400 3.88 29.56 16.63
N GLY B 401 5.00 29.41 17.30
CA GLY B 401 5.40 30.46 18.23
C GLY B 401 5.67 29.95 19.63
N THR B 402 5.93 30.89 20.53
CA THR B 402 6.18 30.53 21.92
C THR B 402 5.14 31.16 22.77
N ALA B 403 4.75 30.49 23.84
CA ALA B 403 3.86 31.08 24.83
C ALA B 403 4.46 30.72 26.18
N ASN B 404 4.58 31.70 27.06
CA ASN B 404 5.13 31.48 28.37
C ASN B 404 6.54 30.90 28.25
N GLY B 405 7.26 31.32 27.22
CA GLY B 405 8.64 30.91 27.03
C GLY B 405 8.78 29.46 26.59
N LEU B 406 7.69 28.83 26.13
CA LEU B 406 7.73 27.44 25.70
C LEU B 406 7.09 27.32 24.32
N PRO B 407 7.61 26.42 23.46
CA PRO B 407 7.02 26.21 22.15
C PRO B 407 5.55 25.82 22.19
N VAL B 408 4.81 26.24 21.15
CA VAL B 408 3.49 25.69 20.92
C VAL B 408 3.36 25.49 19.41
N GLY B 409 2.81 24.33 19.02
CA GLY B 409 2.53 24.05 17.62
C GLY B 409 1.05 23.74 17.35
N VAL B 410 0.77 23.47 16.09
CA VAL B 410 -0.51 23.01 15.60
C VAL B 410 -0.29 21.77 14.74
N GLN B 411 -1.26 20.86 14.71
CA GLN B 411 -1.20 19.72 13.83
C GLN B 411 -2.18 19.93 12.69
N VAL B 412 -1.69 19.60 11.50
CA VAL B 412 -2.43 19.67 10.26
C VAL B 412 -2.64 18.23 9.76
N ILE B 413 -3.89 17.81 9.70
CA ILE B 413 -4.27 16.48 9.26
C ILE B 413 -4.91 16.60 7.88
N THR B 414 -4.52 15.71 6.95
CA THR B 414 -5.14 15.66 5.63
C THR B 414 -5.59 14.22 5.36
N ASP B 415 -6.20 14.02 4.20
CA ASP B 415 -6.73 12.72 3.84
C ASP B 415 -5.58 11.74 3.61
N PHE B 416 -5.96 10.46 3.61
CA PHE B 416 -5.01 9.37 3.44
C PHE B 416 -4.24 9.61 2.15
N HIS B 417 -2.91 9.47 2.21
CA HIS B 417 -2.00 9.68 1.09
C HIS B 417 -1.82 11.15 0.72
N ARG B 418 -2.39 12.09 1.47
CA ARG B 418 -2.20 13.50 1.14
C ARG B 418 -1.14 14.14 2.03
N ASP B 419 -0.11 13.37 2.31
CA ASP B 419 1.04 13.75 3.14
C ASP B 419 1.65 15.06 2.66
N HIS B 420 1.87 15.20 1.33
CA HIS B 420 2.51 16.38 0.79
C HIS B 420 1.67 17.64 1.04
N ASP B 421 0.35 17.49 0.97
CA ASP B 421 -0.58 18.55 1.30
C ASP B 421 -0.52 18.92 2.78
N ALA B 422 -0.32 17.95 3.66
CA ALA B 422 -0.23 18.26 5.08
C ALA B 422 0.99 19.15 5.31
N ILE B 423 2.09 18.80 4.62
CA ILE B 423 3.34 19.55 4.74
C ILE B 423 3.14 20.95 4.18
N ALA B 424 2.50 21.06 3.02
CA ALA B 424 2.35 22.34 2.35
C ALA B 424 1.43 23.27 3.14
N THR B 425 0.36 22.72 3.73
CA THR B 425 -0.58 23.51 4.50
C THR B 425 0.06 23.93 5.81
N ALA B 426 0.86 23.05 6.41
CA ALA B 426 1.64 23.40 7.58
C ALA B 426 2.60 24.54 7.25
N ALA B 427 3.24 24.46 6.08
CA ALA B 427 4.18 25.48 5.64
C ALA B 427 3.43 26.81 5.46
N LEU B 428 2.23 26.75 4.88
CA LEU B 428 1.43 27.94 4.66
C LEU B 428 1.10 28.61 5.99
N ILE B 429 0.68 27.80 6.97
CA ILE B 429 0.35 28.31 8.29
C ILE B 429 1.57 29.01 8.89
N HIS B 430 2.75 28.39 8.75
CA HIS B 430 3.97 28.92 9.32
C HIS B 430 4.30 30.29 8.72
N ARG B 431 4.24 30.38 7.38
CA ARG B 431 4.50 31.63 6.67
C ARG B 431 3.52 32.72 7.12
N LEU B 432 2.23 32.39 7.20
CA LEU B 432 1.18 33.38 7.56
C LEU B 432 1.27 33.79 9.04
N THR B 433 1.84 32.94 9.90
CA THR B 433 1.96 33.23 11.34
C THR B 433 3.33 33.76 11.58
N GLU B 434 4.08 34.00 10.51
CA GLU B 434 5.46 34.55 10.58
C GLU B 434 6.42 33.44 11.08
#